data_6BW4
#
_entry.id   6BW4
#
_cell.length_a   76.034
_cell.length_b   59.862
_cell.length_c   101.843
_cell.angle_alpha   90.000
_cell.angle_beta   94.550
_cell.angle_gamma   90.000
#
_symmetry.space_group_name_H-M   'P 1 21 1'
#
loop_
_entity.id
_entity.type
_entity.pdbx_description
1 polymer 'Histone-binding protein RBBP4'
2 polymer 'PR domain zinc finger protein 16'
3 non-polymer 'UNKNOWN ATOM OR ION'
4 water water
#
loop_
_entity_poly.entity_id
_entity_poly.type
_entity_poly.pdbx_seq_one_letter_code
_entity_poly.pdbx_strand_id
1 'polypeptide(L)'
;GSMADKEAAFDDAVEERVINEEYKIWKKNTPFLYDLVMTHALEWPSLTAQWLPDVTRPEGKDFSIHRLVLGTHTSDEQNH
LVIASVQLPNDDAQFDASHYDSEKGEFGGFGSVSGKIEIEIKINHEGEVNRARYMPQNPCIIATKTPSSDVLVFDYTKHP
SKPDPSGECNPDLRLRGHQKEGYGLSWNPNLSGHLLSASDDHTICLWDISAVPKEGKVVDAKTIFTGHTAVVEDVSWHLL
HESLFGSVADDQKLMIWDTRSNNTSKPSHSVDAHTAEVNCLSFNPYSEFILATGSADKTVALWDLRNLKLKLHSFESHKD
EIFQVQWSPHNETILASSGTDRRLNVWDLSKIGEEQSPEDAEDGPPELLFIHGGHTAKISDFSWNPNEPWVICSVSEDNI
MQVWQMAENIYNDEDPEGSVDPEGQGS
;
C,A
2 'polypeptide(L)' MRSKARARKLAK B,D
#
loop_
_chem_comp.id
_chem_comp.type
_chem_comp.name
_chem_comp.formula
UNX non-polymer 'UNKNOWN ATOM OR ION' ?
#
# COMPACT_ATOMS: atom_id res chain seq x y z
N ASP A 11 0.53 37.57 35.57
CA ASP A 11 -0.04 37.78 34.20
C ASP A 11 0.14 36.55 33.29
N ASP A 12 1.20 35.77 33.52
CA ASP A 12 1.41 34.51 32.76
C ASP A 12 0.27 33.51 33.01
N ALA A 13 0.16 33.04 34.25
CA ALA A 13 -0.88 32.07 34.65
C ALA A 13 -2.30 32.67 34.81
N VAL A 14 -2.49 33.97 34.54
CA VAL A 14 -3.82 34.53 34.28
C VAL A 14 -4.34 34.01 32.93
N GLU A 15 -3.52 34.02 31.88
CA GLU A 15 -3.95 33.48 30.58
C GLU A 15 -4.46 32.03 30.68
N GLU A 16 -3.83 31.24 31.57
CA GLU A 16 -4.29 29.87 31.89
C GLU A 16 -5.75 29.81 32.35
N ARG A 17 -6.17 30.79 33.15
CA ARG A 17 -7.58 30.97 33.54
C ARG A 17 -8.45 31.33 32.33
N VAL A 18 -7.97 32.24 31.48
CA VAL A 18 -8.68 32.63 30.25
C VAL A 18 -8.91 31.44 29.33
N ILE A 19 -7.88 30.63 29.15
CA ILE A 19 -7.96 29.42 28.33
C ILE A 19 -8.92 28.37 28.95
N ASN A 20 -8.80 28.15 30.26
CA ASN A 20 -9.68 27.23 30.97
C ASN A 20 -11.17 27.63 30.91
N GLU A 21 -11.50 28.92 31.05
CA GLU A 21 -12.89 29.39 31.02
C GLU A 21 -13.49 29.34 29.61
N GLU A 22 -12.70 29.65 28.58
CA GLU A 22 -13.16 29.56 27.20
C GLU A 22 -13.44 28.12 26.76
N TYR A 23 -12.57 27.21 27.19
CA TYR A 23 -12.75 25.78 26.95
C TYR A 23 -14.00 25.23 27.69
N LYS A 24 -14.31 25.77 28.87
CA LYS A 24 -15.52 25.39 29.60
C LYS A 24 -16.77 25.80 28.83
N ILE A 25 -16.77 27.00 28.26
CA ILE A 25 -17.88 27.47 27.44
C ILE A 25 -17.97 26.66 26.13
N TRP A 26 -16.83 26.45 25.48
CA TRP A 26 -16.78 25.66 24.25
C TRP A 26 -17.34 24.23 24.47
N LYS A 27 -16.85 23.57 25.51
CA LYS A 27 -17.28 22.22 25.87
C LYS A 27 -18.81 22.16 26.09
N LYS A 28 -19.37 23.17 26.76
CA LYS A 28 -20.82 23.27 26.97
C LYS A 28 -21.64 23.44 25.68
N ASN A 29 -21.08 24.12 24.69
CA ASN A 29 -21.78 24.45 23.44
C ASN A 29 -21.63 23.43 22.30
N THR A 30 -20.81 22.39 22.48
CA THR A 30 -20.56 21.43 21.39
C THR A 30 -21.81 20.73 20.80
N PRO A 31 -22.85 20.46 21.62
CA PRO A 31 -24.07 19.88 21.02
C PRO A 31 -24.79 20.74 19.98
N PHE A 32 -24.63 22.05 19.99
CA PHE A 32 -25.21 22.86 18.90
C PHE A 32 -24.25 23.21 17.77
N LEU A 33 -22.95 23.24 18.05
CA LEU A 33 -21.97 23.63 17.03
C LEU A 33 -21.36 22.48 16.22
N TYR A 34 -21.48 21.24 16.70
CA TYR A 34 -20.83 20.09 16.05
C TYR A 34 -21.82 18.95 15.79
N ASP A 35 -21.63 18.24 14.69
CA ASP A 35 -22.28 16.94 14.48
C ASP A 35 -21.39 15.80 14.97
N LEU A 36 -20.10 16.08 15.18
CA LEU A 36 -19.18 15.11 15.73
C LEU A 36 -18.00 15.82 16.41
N VAL A 37 -17.65 15.37 17.61
CA VAL A 37 -16.43 15.75 18.31
C VAL A 37 -15.83 14.54 19.00
N MET A 38 -14.64 14.12 18.59
CA MET A 38 -13.91 13.06 19.28
C MET A 38 -12.59 13.66 19.72
N THR A 39 -12.29 13.50 21.01
CA THR A 39 -11.04 13.98 21.60
C THR A 39 -10.22 12.78 22.05
N HIS A 40 -8.92 12.83 21.77
CA HIS A 40 -8.01 11.77 22.16
C HIS A 40 -6.67 12.37 22.53
N ALA A 41 -6.17 11.98 23.70
CA ALA A 41 -4.89 12.40 24.21
C ALA A 41 -3.85 11.38 23.72
N LEU A 42 -2.93 11.84 22.87
CA LEU A 42 -1.82 11.01 22.48
C LEU A 42 -0.77 10.95 23.63
N GLU A 43 0.01 9.87 23.66
CA GLU A 43 1.12 9.71 24.62
C GLU A 43 2.11 10.88 24.50
N TRP A 44 2.48 11.20 23.27
CA TRP A 44 3.25 12.38 22.92
C TRP A 44 2.50 13.19 21.87
N PRO A 45 2.79 14.52 21.78
CA PRO A 45 2.16 15.30 20.72
C PRO A 45 2.65 14.93 19.34
N SER A 46 1.77 15.12 18.34
CA SER A 46 2.13 14.98 16.95
C SER A 46 2.28 16.38 16.35
N LEU A 47 3.33 16.59 15.57
CA LEU A 47 3.48 17.80 14.78
C LEU A 47 2.79 17.71 13.41
N THR A 48 2.26 16.54 13.08
CA THR A 48 1.82 16.21 11.73
C THR A 48 0.52 15.38 11.74
N ALA A 49 -0.29 15.58 10.72
CA ALA A 49 -1.54 14.83 10.60
C ALA A 49 -1.91 14.75 9.15
N GLN A 50 -2.23 13.55 8.67
CA GLN A 50 -2.73 13.36 7.29
C GLN A 50 -3.56 12.10 7.28
N TRP A 51 -4.79 12.24 6.84
CA TRP A 51 -5.63 11.08 6.58
C TRP A 51 -5.09 10.27 5.45
N LEU A 52 -5.02 8.96 5.64
CA LEU A 52 -4.76 8.03 4.54
C LEU A 52 -6.04 7.94 3.65
N PRO A 53 -5.89 7.57 2.38
CA PRO A 53 -7.05 7.70 1.43
C PRO A 53 -8.16 6.65 1.61
N ASP A 54 -7.85 5.53 2.27
CA ASP A 54 -8.77 4.41 2.33
C ASP A 54 -9.81 4.54 3.45
N VAL A 55 -11.02 4.11 3.15
CA VAL A 55 -12.07 3.90 4.12
C VAL A 55 -12.61 2.49 3.95
N THR A 56 -12.93 1.84 5.07
CA THR A 56 -13.54 0.56 5.10
C THR A 56 -14.89 0.72 5.79
N ARG A 57 -15.94 0.16 5.20
CA ARG A 57 -17.30 0.23 5.75
C ARG A 57 -17.79 -1.20 6.01
N PRO A 58 -17.43 -1.79 7.18
CA PRO A 58 -17.76 -3.23 7.35
C PRO A 58 -19.25 -3.50 7.31
N GLU A 59 -19.65 -4.57 6.61
CA GLU A 59 -21.07 -4.91 6.45
C GLU A 59 -21.75 -5.10 7.80
N GLY A 60 -22.83 -4.35 8.00
CA GLY A 60 -23.68 -4.52 9.18
C GLY A 60 -23.17 -3.93 10.48
N LYS A 61 -22.18 -3.04 10.40
CA LYS A 61 -21.70 -2.32 11.58
C LYS A 61 -22.16 -0.87 11.47
N ASP A 62 -22.23 -0.17 12.59
CA ASP A 62 -22.70 1.23 12.63
C ASP A 62 -21.61 2.29 12.39
N PHE A 63 -20.44 1.87 11.90
CA PHE A 63 -19.29 2.76 11.79
C PHE A 63 -18.46 2.44 10.55
N SER A 64 -17.60 3.38 10.16
CA SER A 64 -16.55 3.16 9.18
C SER A 64 -15.15 3.36 9.76
N ILE A 65 -14.15 2.77 9.13
CA ILE A 65 -12.78 2.76 9.63
C ILE A 65 -11.90 3.55 8.68
N HIS A 66 -11.25 4.57 9.24
CA HIS A 66 -10.36 5.49 8.56
C HIS A 66 -9.01 5.42 9.21
N ARG A 67 -7.99 5.94 8.54
CA ARG A 67 -6.63 5.86 9.09
C ARG A 67 -5.89 7.18 8.88
N LEU A 68 -4.95 7.45 9.80
CA LEU A 68 -4.21 8.71 9.85
C LEU A 68 -2.73 8.42 9.96
N VAL A 69 -1.92 9.23 9.28
CA VAL A 69 -0.50 9.26 9.49
C VAL A 69 -0.22 10.36 10.54
N LEU A 70 0.41 9.93 11.62
CA LEU A 70 0.83 10.81 12.72
C LEU A 70 2.29 10.60 13.00
N GLY A 71 2.84 11.42 13.90
CA GLY A 71 4.19 11.21 14.40
C GLY A 71 4.23 11.53 15.87
N THR A 72 5.40 11.33 16.46
CA THR A 72 5.68 11.81 17.81
C THR A 72 6.61 13.02 17.79
N HIS A 73 6.55 13.77 18.89
CA HIS A 73 7.51 14.81 19.24
C HIS A 73 7.72 14.59 20.72
N THR A 74 8.89 14.06 21.08
CA THR A 74 9.19 13.75 22.46
C THR A 74 10.20 14.75 22.96
N SER A 75 10.37 14.78 24.27
CA SER A 75 11.46 15.51 24.87
C SER A 75 12.35 14.36 25.29
N ASP A 76 13.39 14.11 24.50
CA ASP A 76 14.46 13.20 24.87
C ASP A 76 13.99 11.75 25.16
N GLU A 77 13.15 11.23 24.27
CA GLU A 77 12.74 9.81 24.27
C GLU A 77 12.59 9.33 22.84
N GLN A 78 12.49 8.02 22.65
CA GLN A 78 12.45 7.45 21.30
C GLN A 78 11.21 7.96 20.55
N ASN A 79 11.41 8.48 19.34
CA ASN A 79 10.29 8.91 18.52
C ASN A 79 9.76 7.80 17.62
N HIS A 80 8.54 7.98 17.14
CA HIS A 80 7.92 7.03 16.21
C HIS A 80 7.08 7.72 15.14
N LEU A 81 7.13 7.16 13.92
CA LEU A 81 6.14 7.39 12.88
C LEU A 81 4.98 6.46 13.19
N VAL A 82 3.76 6.98 13.08
CA VAL A 82 2.58 6.33 13.63
C VAL A 82 1.45 6.26 12.59
N ILE A 83 0.82 5.08 12.47
CA ILE A 83 -0.44 4.98 11.70
C ILE A 83 -1.51 4.63 12.73
N ALA A 84 -2.53 5.48 12.82
CA ALA A 84 -3.67 5.25 13.71
C ALA A 84 -4.92 4.95 12.90
N SER A 85 -5.82 4.19 13.51
CA SER A 85 -7.16 3.96 12.99
C SER A 85 -8.20 4.72 13.83
N VAL A 86 -9.22 5.21 13.15
CA VAL A 86 -10.29 5.99 13.75
C VAL A 86 -11.58 5.36 13.26
N GLN A 87 -12.48 5.02 14.20
CA GLN A 87 -13.84 4.57 13.85
C GLN A 87 -14.76 5.78 13.90
N LEU A 88 -15.43 6.06 12.78
CA LEU A 88 -16.37 7.17 12.67
C LEU A 88 -17.76 6.59 12.46
N PRO A 89 -18.78 7.15 13.14
CA PRO A 89 -20.14 6.65 12.95
C PRO A 89 -20.75 7.02 11.60
N ASN A 90 -21.83 6.32 11.23
CA ASN A 90 -22.53 6.56 9.97
C ASN A 90 -23.47 7.75 10.12
N GLY A 115 -17.18 5.10 18.65
CA GLY A 115 -16.11 5.85 17.96
C GLY A 115 -14.82 5.82 18.76
N LYS A 116 -13.93 4.88 18.43
CA LYS A 116 -12.63 4.71 19.11
C LYS A 116 -11.48 5.16 18.22
N ILE A 117 -10.34 5.45 18.84
CA ILE A 117 -9.09 5.81 18.15
C ILE A 117 -8.00 4.87 18.67
N GLU A 118 -7.34 4.17 17.75
CA GLU A 118 -6.36 3.12 18.10
C GLU A 118 -5.11 3.23 17.22
N ILE A 119 -3.95 3.05 17.83
CA ILE A 119 -2.68 3.03 17.09
C ILE A 119 -2.54 1.67 16.42
N GLU A 120 -2.29 1.62 15.11
CA GLU A 120 -2.07 0.35 14.38
C GLU A 120 -0.61 -0.03 14.24
N ILE A 121 0.28 0.96 14.05
CA ILE A 121 1.71 0.66 13.97
C ILE A 121 2.56 1.85 14.39
N LYS A 122 3.64 1.51 15.09
CA LYS A 122 4.70 2.47 15.43
C LYS A 122 6.03 1.97 14.85
N ILE A 123 6.70 2.84 14.11
CA ILE A 123 7.98 2.57 13.46
C ILE A 123 9.03 3.54 14.05
N ASN A 124 10.20 2.99 14.39
CA ASN A 124 11.27 3.79 15.01
C ASN A 124 11.69 4.92 14.08
N HIS A 125 11.80 6.13 14.64
CA HIS A 125 12.15 7.30 13.87
C HIS A 125 13.20 8.12 14.63
N GLU A 126 14.22 8.61 13.91
CA GLU A 126 15.34 9.37 14.51
C GLU A 126 14.91 10.83 14.66
N GLY A 127 14.66 11.21 15.90
CA GLY A 127 14.15 12.54 16.20
C GLY A 127 12.67 12.65 15.91
N GLU A 128 12.13 13.80 16.29
CA GLU A 128 10.70 14.07 16.10
C GLU A 128 10.33 14.07 14.63
N VAL A 129 9.07 13.74 14.36
CA VAL A 129 8.56 13.73 12.99
C VAL A 129 8.04 15.16 12.75
N ASN A 130 8.84 15.98 12.06
CA ASN A 130 8.41 17.37 11.70
C ASN A 130 7.19 17.35 10.80
N ARG A 131 7.20 16.45 9.81
CA ARG A 131 6.12 16.27 8.86
C ARG A 131 6.20 14.88 8.23
N ALA A 132 5.05 14.26 8.00
CA ALA A 132 4.96 12.94 7.36
C ALA A 132 3.86 13.02 6.31
N ARG A 133 4.17 12.59 5.09
CA ARG A 133 3.23 12.61 3.96
C ARG A 133 3.28 11.34 3.13
N TYR A 134 2.13 10.74 2.82
CA TYR A 134 2.09 9.49 2.03
C TYR A 134 2.17 9.77 0.53
N MET A 135 2.71 8.83 -0.23
CA MET A 135 2.84 8.98 -1.67
C MET A 135 1.50 8.56 -2.32
N PRO A 136 0.83 9.47 -3.06
CA PRO A 136 -0.49 9.16 -3.70
C PRO A 136 -0.50 7.90 -4.54
N GLN A 137 0.57 7.67 -5.30
CA GLN A 137 0.64 6.51 -6.18
C GLN A 137 1.01 5.20 -5.47
N ASN A 138 1.50 5.26 -4.23
CA ASN A 138 1.64 4.04 -3.41
C ASN A 138 1.60 4.47 -1.94
N PRO A 139 0.40 4.47 -1.32
CA PRO A 139 0.22 5.06 0.00
C PRO A 139 0.83 4.27 1.17
N CYS A 140 1.46 3.12 0.89
CA CYS A 140 2.38 2.51 1.86
C CYS A 140 3.67 3.29 2.06
N ILE A 141 4.01 4.16 1.11
CA ILE A 141 5.26 4.92 1.11
C ILE A 141 5.05 6.27 1.78
N ILE A 142 5.79 6.51 2.86
CA ILE A 142 5.65 7.73 3.65
C ILE A 142 6.99 8.43 3.73
N ALA A 143 7.00 9.72 3.36
CA ALA A 143 8.20 10.55 3.53
C ALA A 143 8.07 11.28 4.84
N THR A 144 9.19 11.47 5.53
CA THR A 144 9.23 12.24 6.77
C THR A 144 10.41 13.25 6.80
N LYS A 145 10.15 14.36 7.49
CA LYS A 145 11.15 15.37 7.79
C LYS A 145 11.62 15.18 9.21
N THR A 146 12.94 15.10 9.39
CA THR A 146 13.55 14.87 10.71
C THR A 146 14.25 16.14 11.21
N PRO A 147 14.63 16.18 12.52
CA PRO A 147 15.40 17.35 12.93
C PRO A 147 16.83 17.41 12.42
N SER A 148 17.35 16.34 11.85
CA SER A 148 18.59 16.40 11.10
C SER A 148 18.23 16.80 9.67
N SER A 149 19.22 16.87 8.80
CA SER A 149 18.92 17.33 7.46
C SER A 149 18.32 16.24 6.58
N ASP A 150 18.40 14.97 7.02
CA ASP A 150 17.82 13.86 6.21
C ASP A 150 16.31 13.90 6.09
N VAL A 151 15.85 13.65 4.87
CA VAL A 151 14.45 13.33 4.61
C VAL A 151 14.40 11.80 4.49
N LEU A 152 13.48 11.18 5.22
CA LEU A 152 13.43 9.74 5.25
C LEU A 152 12.24 9.22 4.45
N VAL A 153 12.39 8.04 3.90
CA VAL A 153 11.27 7.35 3.23
C VAL A 153 11.10 5.96 3.82
N PHE A 154 9.90 5.72 4.32
CA PHE A 154 9.48 4.45 4.86
C PHE A 154 8.37 3.80 4.00
N ASP A 155 8.52 2.53 3.69
CA ASP A 155 7.41 1.68 3.23
C ASP A 155 6.89 1.03 4.49
N TYR A 156 5.73 1.44 5.00
CA TYR A 156 5.30 0.99 6.32
C TYR A 156 4.95 -0.48 6.47
N THR A 157 4.75 -1.17 5.34
CA THR A 157 4.48 -2.60 5.36
C THR A 157 5.77 -3.43 5.44
N LYS A 158 6.94 -2.79 5.41
CA LYS A 158 8.23 -3.48 5.54
C LYS A 158 8.89 -3.33 6.93
N HIS A 159 8.11 -3.03 7.97
CA HIS A 159 8.65 -2.84 9.32
C HIS A 159 7.87 -3.66 10.30
N PRO A 160 8.51 -4.15 11.38
CA PRO A 160 7.79 -5.12 12.19
C PRO A 160 6.58 -4.53 12.91
N SER A 161 5.66 -5.38 13.36
CA SER A 161 4.41 -4.94 14.02
C SER A 161 4.72 -4.20 15.32
N LYS A 162 5.61 -4.80 16.12
CA LYS A 162 6.20 -4.11 17.26
C LYS A 162 7.52 -3.46 16.82
N PRO A 163 7.74 -2.17 17.15
CA PRO A 163 9.10 -1.61 16.94
C PRO A 163 10.16 -2.21 17.89
N ASP A 164 11.40 -2.29 17.38
CA ASP A 164 12.48 -2.90 18.18
C ASP A 164 12.81 -1.95 19.34
N PRO A 165 12.90 -2.49 20.60
CA PRO A 165 13.31 -1.69 21.76
C PRO A 165 14.67 -1.00 21.63
N SER A 166 15.59 -1.56 20.85
CA SER A 166 16.87 -0.90 20.55
C SER A 166 16.71 0.56 20.07
N GLY A 167 15.60 0.85 19.39
CA GLY A 167 15.31 2.18 18.88
C GLY A 167 15.96 2.51 17.56
N GLU A 168 16.63 1.54 16.92
CA GLU A 168 17.35 1.81 15.67
C GLU A 168 16.34 2.27 14.57
N CYS A 169 16.72 3.31 13.85
CA CYS A 169 15.92 3.79 12.72
C CYS A 169 16.49 3.18 11.46
N ASN A 170 15.66 2.43 10.72
CA ASN A 170 16.09 1.84 9.47
C ASN A 170 15.13 2.30 8.39
N PRO A 171 15.31 3.54 7.89
CA PRO A 171 14.47 3.94 6.78
C PRO A 171 14.76 3.17 5.49
N ASP A 172 13.79 3.10 4.61
CA ASP A 172 14.00 2.47 3.32
C ASP A 172 14.84 3.29 2.35
N LEU A 173 14.74 4.61 2.44
CA LEU A 173 15.68 5.52 1.78
C LEU A 173 16.07 6.70 2.69
N ARG A 174 17.30 7.16 2.54
CA ARG A 174 17.74 8.43 3.11
C ARG A 174 17.98 9.39 1.97
N LEU A 175 17.30 10.52 2.01
CA LEU A 175 17.39 11.51 0.95
C LEU A 175 18.25 12.68 1.41
N ARG A 176 19.39 12.84 0.74
CA ARG A 176 20.42 13.80 1.09
C ARG A 176 20.33 15.00 0.15
N GLY A 177 20.77 16.15 0.65
CA GLY A 177 20.73 17.39 -0.09
C GLY A 177 20.68 18.61 0.83
N HIS A 178 19.91 18.53 1.91
CA HIS A 178 19.75 19.64 2.82
C HIS A 178 20.92 19.69 3.84
N GLN A 179 21.17 20.88 4.39
CA GLN A 179 22.11 21.08 5.50
C GLN A 179 21.37 21.32 6.84
N LYS A 180 20.05 21.52 6.82
CA LYS A 180 19.29 21.76 8.03
C LYS A 180 17.92 21.10 7.96
N GLU A 181 17.26 21.02 9.10
CA GLU A 181 15.88 20.58 9.17
C GLU A 181 14.90 21.48 8.43
N GLY A 182 13.71 20.96 8.23
CA GLY A 182 12.62 21.70 7.65
C GLY A 182 11.27 21.08 7.91
N TYR A 183 10.27 21.66 7.27
CA TYR A 183 8.91 21.21 7.41
C TYR A 183 8.24 20.89 6.08
N GLY A 184 8.45 21.70 5.05
CA GLY A 184 7.78 21.48 3.78
C GLY A 184 8.09 20.14 3.12
N LEU A 185 7.05 19.44 2.67
CA LEU A 185 7.21 18.13 2.05
C LEU A 185 6.05 17.91 1.12
N SER A 186 6.31 17.60 -0.14
CA SER A 186 5.22 17.39 -1.14
C SER A 186 5.54 16.34 -2.19
N TRP A 187 4.68 15.33 -2.32
CA TRP A 187 4.79 14.37 -3.41
C TRP A 187 4.06 14.86 -4.68
N ASN A 188 4.68 14.65 -5.83
CA ASN A 188 4.09 15.02 -7.10
C ASN A 188 2.96 14.04 -7.42
N PRO A 189 1.68 14.52 -7.43
CA PRO A 189 0.58 13.62 -7.81
C PRO A 189 0.54 13.23 -9.28
N ASN A 190 1.38 13.82 -10.13
CA ASN A 190 1.37 13.53 -11.56
C ASN A 190 2.65 12.84 -12.06
N LEU A 191 3.64 12.66 -11.18
CA LEU A 191 4.88 11.96 -11.50
C LEU A 191 5.25 11.14 -10.27
N SER A 192 5.02 9.83 -10.31
CA SER A 192 5.28 9.01 -9.11
C SER A 192 6.76 9.05 -8.68
N GLY A 193 6.96 9.17 -7.39
CA GLY A 193 8.29 9.19 -6.79
C GLY A 193 9.04 10.52 -6.77
N HIS A 194 8.42 11.60 -7.26
CA HIS A 194 9.09 12.91 -7.27
C HIS A 194 8.66 13.67 -6.02
N LEU A 195 9.63 13.98 -5.17
CA LEU A 195 9.38 14.55 -3.86
C LEU A 195 10.10 15.88 -3.73
N LEU A 196 9.39 16.88 -3.21
CA LEU A 196 9.95 18.18 -2.86
C LEU A 196 10.04 18.31 -1.35
N SER A 197 11.04 19.05 -0.91
CA SER A 197 11.24 19.32 0.48
C SER A 197 11.80 20.73 0.67
N ALA A 198 11.33 21.41 1.72
CA ALA A 198 11.82 22.75 2.07
C ALA A 198 12.55 22.73 3.39
N SER A 199 13.56 23.59 3.52
CA SER A 199 14.45 23.56 4.68
C SER A 199 14.82 24.93 5.22
N ASP A 200 15.20 24.92 6.49
CA ASP A 200 15.80 26.06 7.16
C ASP A 200 17.16 26.48 6.58
N ASP A 201 17.76 25.67 5.72
CA ASP A 201 18.97 26.05 4.96
C ASP A 201 18.74 26.99 3.74
N HIS A 202 17.51 27.46 3.55
CA HIS A 202 17.13 28.40 2.48
C HIS A 202 16.89 27.70 1.13
N THR A 203 16.91 26.36 1.09
CA THR A 203 16.85 25.62 -0.19
C THR A 203 15.61 24.74 -0.26
N ILE A 204 15.25 24.39 -1.50
CA ILE A 204 14.24 23.36 -1.79
C ILE A 204 14.96 22.24 -2.53
N CYS A 205 14.82 21.00 -2.06
CA CYS A 205 15.40 19.84 -2.74
C CYS A 205 14.33 19.04 -3.49
N LEU A 206 14.70 18.54 -4.67
CA LEU A 206 13.91 17.59 -5.46
C LEU A 206 14.63 16.24 -5.53
N TRP A 207 13.93 15.16 -5.16
CA TRP A 207 14.42 13.83 -5.44
C TRP A 207 13.43 13.07 -6.31
N ASP A 208 13.99 12.22 -7.17
CA ASP A 208 13.27 11.17 -7.86
C ASP A 208 13.69 9.82 -7.22
N ILE A 209 12.82 9.26 -6.38
CA ILE A 209 13.21 8.12 -5.57
C ILE A 209 13.28 6.79 -6.33
N SER A 210 12.83 6.79 -7.60
CA SER A 210 12.62 5.59 -8.39
C SER A 210 13.85 5.33 -9.22
N ALA A 211 14.88 4.82 -8.55
CA ALA A 211 16.21 4.46 -9.11
C ALA A 211 17.23 5.61 -8.96
N GLY A 216 18.20 0.50 2.12
CA GLY A 216 18.43 1.71 2.94
C GLY A 216 19.45 2.66 2.36
N LYS A 217 19.44 2.79 1.04
CA LYS A 217 20.49 3.49 0.31
C LYS A 217 20.27 5.01 0.41
N VAL A 218 21.32 5.75 0.07
CA VAL A 218 21.31 7.19 0.08
C VAL A 218 21.06 7.67 -1.36
N VAL A 219 20.09 8.56 -1.51
CA VAL A 219 19.81 9.21 -2.79
C VAL A 219 20.13 10.70 -2.64
N ASP A 220 21.00 11.25 -3.50
CA ASP A 220 21.23 12.70 -3.53
C ASP A 220 20.15 13.41 -4.34
N ALA A 221 19.96 14.69 -4.05
CA ALA A 221 18.92 15.48 -4.70
C ALA A 221 19.20 15.58 -6.19
N LYS A 222 18.18 15.34 -7.00
CA LYS A 222 18.26 15.58 -8.42
C LYS A 222 18.53 17.06 -8.71
N THR A 223 17.87 17.95 -7.96
CA THR A 223 17.92 19.40 -8.22
C THR A 223 17.75 20.15 -6.90
N ILE A 224 18.45 21.27 -6.75
CA ILE A 224 18.33 22.11 -5.56
C ILE A 224 18.01 23.55 -6.02
N PHE A 225 16.92 24.09 -5.48
CA PHE A 225 16.44 25.39 -5.87
C PHE A 225 16.79 26.37 -4.76
N THR A 226 17.50 27.43 -5.13
CA THR A 226 18.16 28.33 -4.18
C THR A 226 17.64 29.77 -4.23
N GLY A 227 16.40 29.95 -4.65
CA GLY A 227 15.88 31.30 -4.89
C GLY A 227 15.55 32.07 -3.64
N HIS A 228 15.10 31.40 -2.60
CA HIS A 228 14.83 32.10 -1.35
C HIS A 228 16.13 32.52 -0.63
N THR A 229 16.00 33.59 0.15
CA THR A 229 17.11 34.17 0.89
C THR A 229 16.91 33.96 2.38
N ALA A 230 15.99 33.10 2.78
CA ALA A 230 15.71 32.83 4.19
C ALA A 230 15.06 31.46 4.30
N VAL A 231 14.80 31.05 5.54
CA VAL A 231 14.19 29.73 5.84
C VAL A 231 12.99 29.49 4.93
N VAL A 232 12.97 28.37 4.22
CA VAL A 232 11.82 28.00 3.36
C VAL A 232 10.88 27.14 4.22
N GLU A 233 9.66 27.63 4.42
CA GLU A 233 8.73 27.08 5.38
C GLU A 233 7.85 26.00 4.76
N ASP A 234 7.53 26.12 3.47
CA ASP A 234 6.59 25.17 2.83
C ASP A 234 6.80 25.09 1.32
N VAL A 235 6.40 23.95 0.77
CA VAL A 235 6.52 23.69 -0.63
C VAL A 235 5.36 22.77 -1.03
N SER A 236 4.83 22.99 -2.22
CA SER A 236 3.72 22.17 -2.70
C SER A 236 3.72 22.10 -4.21
N TRP A 237 3.52 20.90 -4.73
CA TRP A 237 3.35 20.70 -6.18
C TRP A 237 2.00 21.25 -6.61
N HIS A 238 1.91 21.80 -7.82
CA HIS A 238 0.61 22.01 -8.42
C HIS A 238 -0.08 20.62 -8.61
N LEU A 239 -1.40 20.62 -8.47
CA LEU A 239 -2.19 19.40 -8.53
C LEU A 239 -2.43 18.92 -9.96
N LEU A 240 -2.26 19.78 -10.96
CA LEU A 240 -2.47 19.43 -12.37
C LEU A 240 -1.25 19.45 -13.26
N HIS A 241 -0.35 20.41 -13.04
CA HIS A 241 0.75 20.62 -13.97
C HIS A 241 1.97 20.02 -13.32
N GLU A 242 2.48 18.95 -13.92
CA GLU A 242 3.55 18.13 -13.35
C GLU A 242 4.85 18.89 -13.12
N SER A 243 5.10 19.98 -13.86
CA SER A 243 6.35 20.74 -13.75
C SER A 243 6.33 21.90 -12.75
N LEU A 244 5.18 22.18 -12.17
CA LEU A 244 4.90 23.42 -11.49
C LEU A 244 4.78 23.21 -9.98
N PHE A 245 5.48 24.04 -9.20
CA PHE A 245 5.32 24.03 -7.75
C PHE A 245 5.50 25.41 -7.12
N GLY A 246 5.02 25.52 -5.88
CA GLY A 246 5.12 26.75 -5.13
C GLY A 246 5.89 26.56 -3.85
N SER A 247 6.57 27.64 -3.41
CA SER A 247 7.25 27.70 -2.14
C SER A 247 7.00 29.05 -1.47
N VAL A 248 7.10 29.03 -0.14
CA VAL A 248 6.89 30.19 0.69
C VAL A 248 7.96 30.20 1.79
N ALA A 249 8.36 31.39 2.18
CA ALA A 249 9.52 31.52 3.06
C ALA A 249 9.41 32.68 4.02
N ASP A 250 10.35 32.67 4.97
CA ASP A 250 10.55 33.78 5.90
C ASP A 250 11.02 35.08 5.27
N ASP A 251 11.50 35.05 4.02
CA ASP A 251 11.73 36.29 3.24
C ASP A 251 10.43 36.98 2.77
N GLN A 252 9.28 36.45 3.16
CA GLN A 252 7.95 37.03 2.95
C GLN A 252 7.45 36.78 1.51
N LYS A 253 8.12 35.88 0.79
CA LYS A 253 7.86 35.65 -0.63
C LYS A 253 7.13 34.37 -0.88
N LEU A 254 6.26 34.42 -1.88
CA LEU A 254 5.67 33.27 -2.56
C LEU A 254 6.43 33.16 -3.88
N MET A 255 7.03 31.99 -4.11
CA MET A 255 7.69 31.73 -5.38
C MET A 255 7.02 30.57 -6.14
N ILE A 256 6.92 30.74 -7.45
CA ILE A 256 6.35 29.73 -8.35
C ILE A 256 7.47 29.26 -9.24
N TRP A 257 7.68 27.94 -9.23
CA TRP A 257 8.80 27.31 -9.88
C TRP A 257 8.31 26.38 -11.01
N ASP A 258 9.15 26.22 -12.02
CA ASP A 258 8.91 25.30 -13.09
C ASP A 258 10.15 24.43 -13.22
N THR A 259 10.00 23.11 -13.05
CA THR A 259 11.14 22.18 -13.13
C THR A 259 11.81 22.10 -14.50
N ARG A 260 11.13 22.54 -15.57
CA ARG A 260 11.74 22.58 -16.91
C ARG A 260 12.74 23.71 -17.12
N SER A 261 12.74 24.70 -16.23
CA SER A 261 13.69 25.80 -16.29
C SER A 261 15.10 25.35 -15.93
N ASN A 262 16.09 25.74 -16.74
CA ASN A 262 17.50 25.51 -16.39
C ASN A 262 18.05 26.38 -15.26
N ASN A 263 17.33 27.44 -14.88
CA ASN A 263 17.78 28.34 -13.82
C ASN A 263 17.14 27.97 -12.47
N THR A 264 17.92 27.34 -11.60
CA THR A 264 17.45 26.91 -10.28
C THR A 264 17.65 27.97 -9.19
N SER A 265 18.31 29.10 -9.51
CA SER A 265 18.43 30.21 -8.56
C SER A 265 17.33 31.28 -8.69
N LYS A 266 16.49 31.21 -9.71
CA LYS A 266 15.44 32.21 -9.97
C LYS A 266 14.16 31.48 -10.33
N PRO A 267 13.05 31.76 -9.61
CA PRO A 267 11.77 31.13 -9.93
C PRO A 267 11.10 31.80 -11.14
N SER A 268 10.01 31.22 -11.65
CA SER A 268 9.23 31.87 -12.74
C SER A 268 8.52 33.11 -12.25
N HIS A 269 7.97 33.06 -11.02
CA HIS A 269 7.33 34.24 -10.40
C HIS A 269 7.76 34.36 -8.96
N SER A 270 7.88 35.61 -8.50
CA SER A 270 8.33 35.94 -7.14
C SER A 270 7.47 37.07 -6.61
N VAL A 271 6.74 36.82 -5.54
CA VAL A 271 5.68 37.69 -5.04
C VAL A 271 5.99 38.08 -3.60
N ASP A 272 5.93 39.37 -3.31
CA ASP A 272 5.91 39.88 -1.96
C ASP A 272 4.52 39.61 -1.38
N ALA A 273 4.37 38.52 -0.66
CA ALA A 273 3.06 37.99 -0.31
C ALA A 273 2.44 38.57 0.94
N HIS A 274 3.27 38.85 1.94
CA HIS A 274 2.80 39.13 3.30
C HIS A 274 3.77 40.10 3.95
N THR A 275 3.37 40.67 5.07
CA THR A 275 4.24 41.59 5.85
C THR A 275 5.01 40.89 7.00
N ALA A 276 5.03 39.55 6.97
CA ALA A 276 5.86 38.77 7.86
C ALA A 276 6.11 37.42 7.20
N GLU A 277 6.68 36.50 7.95
CA GLU A 277 7.03 35.17 7.43
C GLU A 277 5.81 34.47 6.84
N VAL A 278 6.01 33.78 5.74
CA VAL A 278 4.95 32.97 5.15
C VAL A 278 5.20 31.50 5.44
N ASN A 279 4.27 30.87 6.14
CA ASN A 279 4.48 29.53 6.72
C ASN A 279 3.88 28.37 5.97
N CYS A 280 2.91 28.63 5.09
CA CYS A 280 2.18 27.57 4.41
C CYS A 280 1.51 28.05 3.13
N LEU A 281 1.30 27.10 2.23
CA LEU A 281 0.54 27.35 1.02
C LEU A 281 -0.26 26.13 0.67
N SER A 282 -1.28 26.33 -0.15
CA SER A 282 -2.15 25.26 -0.60
C SER A 282 -2.79 25.66 -1.93
N PHE A 283 -2.66 24.80 -2.95
CA PHE A 283 -3.32 25.01 -4.25
C PHE A 283 -4.76 24.53 -4.21
N ASN A 284 -5.69 25.29 -4.79
CA ASN A 284 -7.12 24.96 -4.79
C ASN A 284 -7.27 23.75 -5.72
N PRO A 285 -7.92 22.66 -5.24
CA PRO A 285 -8.00 21.44 -6.08
C PRO A 285 -9.00 21.47 -7.21
N TYR A 286 -9.88 22.46 -7.23
CA TYR A 286 -10.85 22.65 -8.31
C TYR A 286 -10.55 23.81 -9.26
N SER A 287 -9.73 24.75 -8.83
CA SER A 287 -9.49 26.00 -9.55
C SER A 287 -8.00 26.13 -9.78
N GLU A 288 -7.52 25.76 -10.95
CA GLU A 288 -6.08 25.58 -11.17
C GLU A 288 -5.20 26.84 -11.04
N PHE A 289 -5.81 28.03 -11.06
CA PHE A 289 -5.07 29.26 -10.93
C PHE A 289 -5.07 29.84 -9.50
N ILE A 290 -5.79 29.20 -8.60
CA ILE A 290 -6.04 29.73 -7.28
C ILE A 290 -5.18 29.02 -6.25
N LEU A 291 -4.59 29.80 -5.35
CA LEU A 291 -3.92 29.22 -4.18
C LEU A 291 -4.01 30.15 -3.01
N ALA A 292 -3.64 29.63 -1.83
CA ALA A 292 -3.76 30.35 -0.58
C ALA A 292 -2.47 30.24 0.19
N THR A 293 -2.10 31.33 0.88
CA THR A 293 -0.89 31.35 1.73
C THR A 293 -1.26 31.83 3.12
N GLY A 294 -0.61 31.26 4.12
CA GLY A 294 -0.83 31.66 5.53
C GLY A 294 0.45 32.17 6.16
N SER A 295 0.30 33.15 7.04
CA SER A 295 1.45 33.96 7.47
C SER A 295 1.50 34.27 8.95
N ALA A 296 2.71 34.59 9.44
CA ALA A 296 2.88 35.18 10.75
C ALA A 296 2.22 36.55 10.87
N ASP A 297 1.80 37.16 9.74
CA ASP A 297 1.02 38.42 9.82
C ASP A 297 -0.44 38.24 10.22
N LYS A 298 -0.82 36.99 10.48
CA LYS A 298 -2.15 36.61 11.00
C LYS A 298 -3.22 36.57 9.91
N THR A 299 -2.81 36.58 8.65
CA THR A 299 -3.76 36.57 7.53
C THR A 299 -3.53 35.37 6.64
N VAL A 300 -4.58 34.98 5.93
CA VAL A 300 -4.47 34.08 4.82
C VAL A 300 -4.67 34.92 3.58
N ALA A 301 -3.77 34.80 2.62
CA ALA A 301 -3.91 35.51 1.34
C ALA A 301 -4.41 34.56 0.24
N LEU A 302 -5.29 35.09 -0.61
CA LEU A 302 -5.81 34.40 -1.79
C LEU A 302 -5.11 34.95 -3.05
N TRP A 303 -4.59 34.05 -3.89
CA TRP A 303 -3.78 34.40 -5.05
C TRP A 303 -4.36 33.81 -6.33
N ASP A 304 -4.20 34.56 -7.42
CA ASP A 304 -4.40 34.10 -8.77
C ASP A 304 -3.04 34.08 -9.49
N LEU A 305 -2.60 32.89 -9.88
CA LEU A 305 -1.33 32.68 -10.55
C LEU A 305 -1.09 33.50 -11.76
N ARG A 306 -2.17 33.88 -12.46
CA ARG A 306 -2.06 34.67 -13.68
C ARG A 306 -1.78 36.13 -13.41
N ASN A 307 -2.03 36.60 -12.19
CA ASN A 307 -1.75 38.00 -11.84
C ASN A 307 -1.36 38.11 -10.39
N LEU A 308 -0.13 37.72 -10.09
CA LEU A 308 0.36 37.71 -8.72
C LEU A 308 0.75 39.11 -8.15
N LYS A 309 0.66 40.18 -8.93
CA LYS A 309 0.87 41.54 -8.43
C LYS A 309 -0.28 41.99 -7.52
N LEU A 310 -1.46 41.38 -7.65
CA LEU A 310 -2.68 41.82 -6.96
C LEU A 310 -3.24 40.68 -6.10
N LYS A 311 -3.06 40.76 -4.80
CA LYS A 311 -3.64 39.78 -3.86
C LYS A 311 -5.16 39.81 -4.04
N LEU A 312 -5.82 38.66 -4.24
CA LEU A 312 -7.29 38.67 -4.45
C LEU A 312 -8.09 39.02 -3.18
N HIS A 313 -7.65 38.54 -2.02
CA HIS A 313 -8.36 38.76 -0.76
C HIS A 313 -7.40 38.44 0.37
N SER A 314 -7.69 39.03 1.52
CA SER A 314 -6.98 38.78 2.74
C SER A 314 -8.02 38.37 3.78
N PHE A 315 -7.89 37.14 4.28
CA PHE A 315 -8.80 36.63 5.29
C PHE A 315 -8.22 37.00 6.64
N GLU A 316 -8.99 37.72 7.45
CA GLU A 316 -8.53 38.25 8.73
C GLU A 316 -9.50 37.82 9.83
N SER A 317 -8.93 37.26 10.90
CA SER A 317 -9.63 36.89 12.16
C SER A 317 -8.68 36.20 13.14
N HIS A 318 -7.65 35.52 12.64
CA HIS A 318 -6.65 34.96 13.50
C HIS A 318 -5.97 36.03 14.34
N LYS A 319 -5.71 35.72 15.61
CA LYS A 319 -5.03 36.62 16.52
C LYS A 319 -3.55 36.30 16.67
N ASP A 320 -3.02 35.34 15.91
CA ASP A 320 -1.59 35.01 15.97
C ASP A 320 -1.16 34.30 14.69
N GLU A 321 0.10 33.91 14.65
CA GLU A 321 0.73 33.24 13.50
C GLU A 321 -0.05 32.00 12.95
N ILE A 322 -0.16 31.92 11.63
CA ILE A 322 -0.83 30.83 10.95
C ILE A 322 0.26 29.93 10.43
N PHE A 323 0.12 28.64 10.69
CA PHE A 323 1.08 27.62 10.25
C PHE A 323 0.56 26.64 9.23
N GLN A 324 -0.76 26.45 9.16
CA GLN A 324 -1.32 25.57 8.15
C GLN A 324 -2.56 26.15 7.48
N VAL A 325 -2.66 25.92 6.17
CA VAL A 325 -3.84 26.25 5.38
CA VAL A 325 -3.84 26.26 5.38
C VAL A 325 -4.16 25.07 4.45
N GLN A 326 -5.42 24.69 4.37
CA GLN A 326 -5.83 23.55 3.53
C GLN A 326 -7.19 23.79 2.92
N TRP A 327 -7.28 23.63 1.60
CA TRP A 327 -8.57 23.67 0.91
C TRP A 327 -9.38 22.41 1.22
N SER A 328 -10.70 22.55 1.29
CA SER A 328 -11.59 21.39 1.37
C SER A 328 -11.43 20.49 0.15
N PRO A 329 -11.32 19.16 0.36
CA PRO A 329 -11.32 18.26 -0.82
C PRO A 329 -12.66 18.19 -1.55
N HIS A 330 -13.74 18.64 -0.89
CA HIS A 330 -15.08 18.43 -1.39
C HIS A 330 -15.77 19.71 -1.89
N ASN A 331 -15.37 20.88 -1.40
CA ASN A 331 -16.09 22.13 -1.67
C ASN A 331 -15.11 23.21 -2.11
N GLU A 332 -15.23 23.59 -3.38
CA GLU A 332 -14.28 24.51 -4.03
C GLU A 332 -14.09 25.87 -3.37
N THR A 333 -15.10 26.36 -2.67
CA THR A 333 -15.02 27.67 -2.05
C THR A 333 -14.62 27.63 -0.55
N ILE A 334 -14.26 26.45 -0.04
CA ILE A 334 -14.02 26.28 1.38
C ILE A 334 -12.55 26.03 1.64
N LEU A 335 -11.95 26.80 2.56
CA LEU A 335 -10.63 26.47 3.09
C LEU A 335 -10.56 26.70 4.57
N ALA A 336 -9.53 26.12 5.16
CA ALA A 336 -9.32 26.21 6.61
C ALA A 336 -7.90 26.60 6.92
N SER A 337 -7.73 27.17 8.12
CA SER A 337 -6.43 27.68 8.55
C SER A 337 -6.28 27.49 10.04
N SER A 338 -5.06 27.24 10.48
CA SER A 338 -4.78 27.11 11.92
C SER A 338 -3.43 27.66 12.30
N GLY A 339 -3.25 27.84 13.59
CA GLY A 339 -1.95 28.20 14.13
C GLY A 339 -1.88 28.43 15.62
N THR A 340 -1.05 29.40 15.98
CA THR A 340 -0.63 29.72 17.34
C THR A 340 -1.73 30.24 18.22
N ASP A 341 -2.75 30.87 17.65
CA ASP A 341 -3.88 31.38 18.46
C ASP A 341 -4.84 30.27 18.96
N ARG A 342 -4.51 29.01 18.68
CA ARG A 342 -5.25 27.83 19.19
C ARG A 342 -6.64 27.66 18.54
N ARG A 343 -6.82 28.27 17.37
CA ARG A 343 -8.11 28.25 16.67
C ARG A 343 -7.89 27.68 15.32
N LEU A 344 -8.90 26.97 14.81
CA LEU A 344 -8.91 26.53 13.44
C LEU A 344 -10.09 27.27 12.86
N ASN A 345 -9.84 28.11 11.86
CA ASN A 345 -10.89 28.89 11.20
C ASN A 345 -11.27 28.23 9.87
N VAL A 346 -12.57 28.18 9.60
CA VAL A 346 -13.07 27.70 8.31
C VAL A 346 -13.65 28.88 7.53
N TRP A 347 -13.18 29.05 6.29
CA TRP A 347 -13.60 30.17 5.46
C TRP A 347 -14.40 29.72 4.23
N ASP A 348 -15.39 30.56 3.85
CA ASP A 348 -16.18 30.38 2.64
C ASP A 348 -16.08 31.60 1.73
N LEU A 349 -15.29 31.45 0.66
CA LEU A 349 -15.01 32.53 -0.29
C LEU A 349 -16.24 33.10 -0.99
N SER A 350 -17.28 32.29 -1.12
CA SER A 350 -18.52 32.75 -1.73
C SER A 350 -19.25 33.81 -0.88
N LYS A 351 -18.93 33.90 0.40
CA LYS A 351 -19.56 34.89 1.29
C LYS A 351 -18.81 36.24 1.33
N ILE A 352 -17.70 36.35 0.61
CA ILE A 352 -16.93 37.60 0.55
C ILE A 352 -17.85 38.69 -0.05
N GLY A 353 -18.05 39.79 0.67
CA GLY A 353 -18.88 40.91 0.21
C GLY A 353 -20.30 40.97 0.75
N GLU A 354 -20.80 39.90 1.36
CA GLU A 354 -22.15 39.90 1.95
C GLU A 354 -22.30 40.96 3.05
N GLU A 355 -23.53 41.44 3.26
CA GLU A 355 -23.86 42.47 4.26
C GLU A 355 -24.13 41.86 5.65
N GLN A 356 -24.08 42.69 6.70
CA GLN A 356 -24.27 42.23 8.10
C GLN A 356 -24.61 43.39 9.06
N SER A 357 -25.26 43.08 10.19
CA SER A 357 -25.63 44.09 11.19
N GLU A 362 -18.65 43.82 12.56
CA GLU A 362 -19.59 42.91 13.18
C GLU A 362 -18.86 41.96 14.16
N ASP A 363 -19.46 40.80 14.45
CA ASP A 363 -18.80 39.75 15.26
C ASP A 363 -17.71 38.97 14.48
N GLY A 364 -17.42 39.39 13.24
CA GLY A 364 -16.49 38.68 12.34
C GLY A 364 -16.89 38.96 10.89
N PRO A 365 -15.96 38.80 9.94
CA PRO A 365 -16.30 39.06 8.54
C PRO A 365 -17.23 37.98 7.98
N PRO A 366 -17.96 38.29 6.90
CA PRO A 366 -18.96 37.35 6.37
C PRO A 366 -18.39 36.01 5.90
N GLU A 367 -17.18 36.03 5.36
CA GLU A 367 -16.52 34.83 4.85
C GLU A 367 -15.93 33.86 5.91
N LEU A 368 -16.02 34.22 7.20
CA LEU A 368 -15.62 33.32 8.28
C LEU A 368 -16.82 32.45 8.60
N LEU A 369 -16.77 31.19 8.19
CA LEU A 369 -17.88 30.28 8.39
C LEU A 369 -17.94 29.72 9.82
N PHE A 370 -16.79 29.37 10.37
CA PHE A 370 -16.76 28.66 11.66
C PHE A 370 -15.44 28.85 12.33
N ILE A 371 -15.46 28.95 13.65
CA ILE A 371 -14.24 28.95 14.46
C ILE A 371 -14.28 27.72 15.36
N HIS A 372 -13.31 26.83 15.17
CA HIS A 372 -13.17 25.69 16.05
C HIS A 372 -12.28 26.07 17.24
N GLY A 373 -12.86 26.08 18.45
CA GLY A 373 -12.12 26.43 19.67
C GLY A 373 -11.86 25.31 20.65
N GLY A 374 -11.73 24.08 20.15
CA GLY A 374 -11.61 22.89 21.00
C GLY A 374 -10.22 22.66 21.55
N HIS A 375 -9.21 23.27 20.94
CA HIS A 375 -7.82 23.10 21.34
C HIS A 375 -7.43 24.17 22.32
N THR A 376 -6.68 23.78 23.37
CA THR A 376 -6.18 24.68 24.38
C THR A 376 -4.67 24.91 24.28
N ALA A 377 -4.07 24.58 23.14
CA ALA A 377 -2.67 24.86 22.87
C ALA A 377 -2.53 25.10 21.38
N LYS A 378 -1.35 25.53 20.95
CA LYS A 378 -1.06 25.73 19.53
C LYS A 378 -1.45 24.49 18.68
N ILE A 379 -2.14 24.73 17.57
CA ILE A 379 -2.47 23.67 16.61
C ILE A 379 -1.29 23.51 15.68
N SER A 380 -0.73 22.32 15.58
CA SER A 380 0.45 22.07 14.73
C SER A 380 0.10 21.64 13.30
N ASP A 381 -1.00 20.93 13.11
CA ASP A 381 -1.34 20.44 11.75
C ASP A 381 -2.79 20.03 11.76
N PHE A 382 -3.38 19.92 10.56
CA PHE A 382 -4.72 19.37 10.44
C PHE A 382 -4.92 18.83 9.05
N SER A 383 -5.93 17.98 8.90
CA SER A 383 -6.21 17.30 7.65
C SER A 383 -7.71 17.16 7.49
N TRP A 384 -8.19 17.49 6.29
CA TRP A 384 -9.58 17.25 5.94
C TRP A 384 -9.72 15.79 5.55
N ASN A 385 -10.71 15.11 6.11
CA ASN A 385 -10.96 13.71 5.78
C ASN A 385 -11.48 13.60 4.36
N PRO A 386 -10.80 12.82 3.49
CA PRO A 386 -11.16 12.80 2.07
C PRO A 386 -12.41 11.97 1.75
N ASN A 387 -12.93 11.19 2.69
CA ASN A 387 -14.07 10.31 2.46
C ASN A 387 -15.32 10.74 3.22
N GLU A 388 -15.21 11.64 4.20
CA GLU A 388 -16.37 12.13 4.94
C GLU A 388 -16.33 13.65 4.89
N PRO A 389 -17.15 14.26 4.01
CA PRO A 389 -17.20 15.71 3.90
C PRO A 389 -17.30 16.41 5.25
N TRP A 390 -16.52 17.46 5.42
CA TRP A 390 -16.55 18.30 6.63
C TRP A 390 -15.88 17.74 7.89
N VAL A 391 -15.41 16.50 7.85
CA VAL A 391 -14.65 15.95 8.98
C VAL A 391 -13.21 16.45 8.90
N ILE A 392 -12.72 16.95 10.05
CA ILE A 392 -11.33 17.38 10.18
C ILE A 392 -10.68 16.65 11.35
N CYS A 393 -9.43 16.28 11.18
CA CYS A 393 -8.59 15.87 12.30
C CYS A 393 -7.59 17.02 12.56
N SER A 394 -7.49 17.47 13.80
CA SER A 394 -6.52 18.55 14.14
C SER A 394 -5.73 18.13 15.39
N VAL A 395 -4.42 18.45 15.40
CA VAL A 395 -3.51 18.04 16.47
C VAL A 395 -2.79 19.24 17.04
N SER A 396 -2.67 19.28 18.36
CA SER A 396 -2.03 20.37 19.08
C SER A 396 -0.88 19.95 20.01
N GLU A 397 -0.12 20.96 20.47
CA GLU A 397 1.11 20.82 21.27
C GLU A 397 0.96 20.18 22.64
N ASP A 398 -0.24 20.20 23.18
CA ASP A 398 -0.57 19.57 24.47
C ASP A 398 -1.03 18.10 24.35
N ASN A 399 -0.73 17.43 23.22
CA ASN A 399 -1.01 15.99 22.97
C ASN A 399 -2.42 15.67 22.44
N ILE A 400 -3.26 16.69 22.29
CA ILE A 400 -4.65 16.49 21.92
C ILE A 400 -4.77 16.29 20.41
N MET A 401 -5.56 15.27 20.06
CA MET A 401 -6.02 15.02 18.68
C MET A 401 -7.54 15.11 18.73
N GLN A 402 -8.10 15.91 17.83
CA GLN A 402 -9.54 16.03 17.73
C GLN A 402 -9.99 15.67 16.33
N VAL A 403 -11.03 14.85 16.26
CA VAL A 403 -11.68 14.54 15.00
C VAL A 403 -13.07 15.12 15.13
N TRP A 404 -13.41 16.03 14.26
CA TRP A 404 -14.63 16.80 14.47
C TRP A 404 -15.30 17.24 13.17
N GLN A 405 -16.57 17.57 13.31
CA GLN A 405 -17.37 18.00 12.17
C GLN A 405 -18.34 19.04 12.68
N MET A 406 -18.30 20.23 12.08
CA MET A 406 -19.27 21.28 12.46
C MET A 406 -20.68 20.85 12.08
N ALA A 407 -21.67 21.44 12.75
CA ALA A 407 -23.07 21.11 12.52
C ALA A 407 -23.48 21.43 11.07
N GLU A 408 -24.41 20.63 10.54
CA GLU A 408 -24.84 20.77 9.14
C GLU A 408 -25.48 22.14 8.86
N ASN A 409 -26.32 22.62 9.78
CA ASN A 409 -26.98 23.90 9.59
C ASN A 409 -26.04 25.11 9.45
N ILE A 410 -24.79 24.97 9.89
CA ILE A 410 -23.79 26.04 9.75
C ILE A 410 -23.31 26.25 8.31
N TYR A 411 -23.09 25.17 7.56
CA TYR A 411 -22.74 25.27 6.12
C TYR A 411 -23.92 25.01 5.13
N ASN A 412 -25.08 24.57 5.64
CA ASN A 412 -26.27 24.31 4.81
C ASN A 412 -27.52 24.91 5.46
N MET B 1 10.46 31.30 11.11
CA MET B 1 11.12 30.06 11.63
C MET B 1 10.47 29.70 12.95
N ARG B 2 9.71 28.62 12.97
CA ARG B 2 8.98 28.21 14.17
C ARG B 2 9.88 27.70 15.30
N SER B 3 9.37 27.82 16.53
CA SER B 3 10.04 27.33 17.70
C SER B 3 9.15 26.23 18.25
N LYS B 4 9.63 25.00 18.20
CA LYS B 4 8.89 23.88 18.81
C LYS B 4 8.88 24.07 20.32
N ALA B 5 7.73 23.78 20.95
CA ALA B 5 7.63 23.78 22.41
C ALA B 5 8.37 22.54 22.96
N ARG B 6 8.61 22.50 24.27
CA ARG B 6 9.08 21.25 24.87
C ARG B 6 7.86 20.36 25.14
N ALA B 7 7.91 19.15 24.61
CA ALA B 7 6.78 18.23 24.65
C ALA B 7 6.70 17.65 26.04
N ARG B 8 5.49 17.55 26.56
CA ARG B 8 5.17 16.84 27.79
C ARG B 8 4.49 15.49 27.46
N LYS B 9 4.75 14.48 28.29
CA LYS B 9 4.12 13.15 28.17
C LYS B 9 2.79 13.12 28.94
N LEU B 10 1.83 12.29 28.51
CA LEU B 10 0.54 12.17 29.21
C LEU B 10 0.62 11.11 30.30
C LYS C 6 28.46 -11.88 9.15
N GLU C 7 27.76 -12.34 10.19
CA GLU C 7 28.28 -13.38 11.09
C GLU C 7 28.05 -14.78 10.51
N ALA C 8 26.87 -14.98 9.90
CA ALA C 8 26.53 -16.22 9.17
C ALA C 8 26.33 -15.98 7.65
N ALA C 9 26.73 -14.80 7.16
CA ALA C 9 26.72 -14.52 5.72
C ALA C 9 27.86 -15.26 4.98
N PHE C 10 28.83 -15.76 5.74
CA PHE C 10 29.78 -16.79 5.25
C PHE C 10 29.03 -18.05 4.79
N ASP C 11 28.32 -18.67 5.73
CA ASP C 11 27.51 -19.85 5.43
C ASP C 11 26.44 -19.57 4.36
N ASP C 12 26.01 -18.31 4.23
CA ASP C 12 25.22 -17.83 3.09
C ASP C 12 25.91 -18.09 1.74
N ALA C 13 27.06 -17.45 1.52
CA ALA C 13 27.84 -17.60 0.28
C ALA C 13 28.53 -18.96 0.03
N VAL C 14 28.46 -19.89 0.98
CA VAL C 14 28.81 -21.29 0.72
C VAL C 14 27.74 -21.93 -0.17
N GLU C 15 26.47 -21.75 0.21
CA GLU C 15 25.35 -22.29 -0.57
C GLU C 15 25.40 -21.79 -2.02
N GLU C 16 25.86 -20.56 -2.25
CA GLU C 16 26.10 -20.02 -3.60
C GLU C 16 27.01 -20.90 -4.48
N ARG C 17 28.05 -21.49 -3.87
CA ARG C 17 28.88 -22.51 -4.55
C ARG C 17 28.08 -23.78 -4.87
N VAL C 18 27.29 -24.23 -3.90
CA VAL C 18 26.43 -25.41 -4.07
C VAL C 18 25.42 -25.20 -5.21
N ILE C 19 24.79 -24.03 -5.23
CA ILE C 19 23.83 -23.64 -6.26
C ILE C 19 24.51 -23.54 -7.63
N ASN C 20 25.68 -22.91 -7.71
CA ASN C 20 26.41 -22.78 -8.97
C ASN C 20 26.81 -24.15 -9.57
N GLU C 21 27.27 -25.08 -8.74
CA GLU C 21 27.70 -26.40 -9.22
C GLU C 21 26.51 -27.27 -9.67
N GLU C 22 25.40 -27.22 -8.93
CA GLU C 22 24.18 -27.95 -9.29
C GLU C 22 23.57 -27.46 -10.60
N TYR C 23 23.56 -26.14 -10.79
CA TYR C 23 23.07 -25.52 -12.01
C TYR C 23 23.95 -25.86 -13.21
N LYS C 24 25.25 -26.03 -13.01
CA LYS C 24 26.17 -26.46 -14.06
C LYS C 24 25.83 -27.87 -14.53
N ILE C 25 25.57 -28.77 -13.58
CA ILE C 25 25.18 -30.14 -13.88
C ILE C 25 23.80 -30.17 -14.55
N TRP C 26 22.85 -29.42 -13.99
CA TRP C 26 21.50 -29.33 -14.55
C TRP C 26 21.51 -28.83 -15.99
N LYS C 27 22.23 -27.73 -16.24
CA LYS C 27 22.34 -27.13 -17.58
C LYS C 27 22.89 -28.16 -18.58
N LYS C 28 23.90 -28.94 -18.17
CA LYS C 28 24.47 -30.00 -19.02
C LYS C 28 23.49 -31.13 -19.37
N ASN C 29 22.59 -31.46 -18.44
CA ASN C 29 21.66 -32.60 -18.59
C ASN C 29 20.30 -32.28 -19.23
N THR C 30 20.02 -31.01 -19.54
CA THR C 30 18.70 -30.63 -20.06
C THR C 30 18.24 -31.37 -21.35
N PRO C 31 19.18 -31.74 -22.25
CA PRO C 31 18.73 -32.51 -23.43
C PRO C 31 18.12 -33.89 -23.14
N PHE C 32 18.45 -34.52 -22.01
CA PHE C 32 17.83 -35.80 -21.64
C PHE C 32 16.62 -35.66 -20.72
N LEU C 33 16.55 -34.60 -19.92
CA LEU C 33 15.49 -34.42 -18.95
C LEU C 33 14.29 -33.59 -19.42
N TYR C 34 14.44 -32.82 -20.50
CA TYR C 34 13.39 -31.89 -20.93
C TYR C 34 13.08 -32.04 -22.42
N ASP C 35 11.80 -31.89 -22.78
CA ASP C 35 11.42 -31.68 -24.18
C ASP C 35 11.36 -30.19 -24.52
N LEU C 36 11.33 -29.34 -23.49
CA LEU C 36 11.33 -27.90 -23.69
C LEU C 36 11.88 -27.18 -22.47
N VAL C 37 12.78 -26.21 -22.69
CA VAL C 37 13.28 -25.30 -21.67
C VAL C 37 13.44 -23.90 -22.26
N MET C 38 12.69 -22.92 -21.77
CA MET C 38 12.83 -21.53 -22.18
C MET C 38 13.10 -20.71 -20.93
N THR C 39 14.16 -19.91 -20.94
CA THR C 39 14.55 -19.05 -19.83
C THR C 39 14.43 -17.58 -20.22
N HIS C 40 13.95 -16.74 -19.30
CA HIS C 40 13.74 -15.32 -19.59
C HIS C 40 13.92 -14.50 -18.31
N ALA C 41 14.75 -13.47 -18.40
CA ALA C 41 15.02 -12.58 -17.29
C ALA C 41 14.04 -11.41 -17.34
N LEU C 42 13.18 -11.30 -16.35
CA LEU C 42 12.32 -10.14 -16.22
C LEU C 42 13.10 -8.90 -15.71
N GLU C 43 12.65 -7.70 -16.07
CA GLU C 43 13.23 -6.45 -15.56
C GLU C 43 13.18 -6.37 -14.03
N TRP C 44 12.04 -6.71 -13.47
CA TRP C 44 11.85 -6.92 -12.03
C TRP C 44 11.28 -8.31 -11.78
N PRO C 45 11.50 -8.87 -10.57
CA PRO C 45 10.93 -10.20 -10.33
C PRO C 45 9.41 -10.14 -10.21
N SER C 46 8.78 -11.27 -10.55
CA SER C 46 7.36 -11.47 -10.34
C SER C 46 7.19 -12.39 -9.14
N LEU C 47 6.26 -12.04 -8.27
CA LEU C 47 5.86 -12.90 -7.17
C LEU C 47 4.74 -13.86 -7.58
N THR C 48 4.22 -13.73 -8.82
CA THR C 48 3.01 -14.41 -9.25
C THR C 48 3.12 -14.88 -10.71
N ALA C 49 2.47 -15.99 -11.01
CA ALA C 49 2.45 -16.51 -12.38
C ALA C 49 1.19 -17.30 -12.58
N GLN C 50 0.49 -17.05 -13.69
CA GLN C 50 -0.70 -17.82 -14.04
C GLN C 50 -0.90 -17.74 -15.52
N TRP C 51 -0.99 -18.90 -16.16
CA TRP C 51 -1.38 -18.95 -17.57
C TRP C 51 -2.79 -18.52 -17.75
N LEU C 52 -3.03 -17.67 -18.74
CA LEU C 52 -4.39 -17.38 -19.16
C LEU C 52 -4.92 -18.61 -19.98
N PRO C 53 -6.25 -18.82 -19.98
CA PRO C 53 -6.77 -20.09 -20.56
C PRO C 53 -6.79 -20.13 -22.11
N ASP C 54 -6.74 -18.97 -22.74
CA ASP C 54 -6.93 -18.87 -24.19
C ASP C 54 -5.62 -18.96 -24.94
N VAL C 55 -5.70 -19.62 -26.09
CA VAL C 55 -4.54 -19.97 -26.90
C VAL C 55 -4.91 -19.64 -28.34
N THR C 56 -3.94 -19.11 -29.09
CA THR C 56 -4.17 -18.74 -30.48
C THR C 56 -3.20 -19.52 -31.34
N ARG C 57 -3.72 -20.12 -32.42
CA ARG C 57 -2.97 -21.00 -33.30
C ARG C 57 -2.97 -20.38 -34.71
N PRO C 58 -1.99 -19.49 -35.00
CA PRO C 58 -1.97 -18.87 -36.34
C PRO C 58 -1.90 -19.89 -37.48
N GLU C 59 -2.69 -19.66 -38.53
CA GLU C 59 -2.87 -20.63 -39.63
C GLU C 59 -1.54 -20.96 -40.28
N GLY C 60 -1.21 -22.25 -40.30
CA GLY C 60 -0.04 -22.75 -41.03
C GLY C 60 1.33 -22.50 -40.40
N LYS C 61 1.37 -22.17 -39.11
CA LYS C 61 2.63 -22.00 -38.40
C LYS C 61 2.79 -23.19 -37.45
N ASP C 62 4.03 -23.48 -37.06
CA ASP C 62 4.33 -24.64 -36.21
C ASP C 62 4.26 -24.35 -34.69
N PHE C 63 3.65 -23.23 -34.31
CA PHE C 63 3.63 -22.78 -32.92
C PHE C 63 2.30 -22.12 -32.58
N SER C 64 2.05 -22.00 -31.28
CA SER C 64 0.87 -21.33 -30.76
C SER C 64 1.28 -20.23 -29.77
N ILE C 65 0.36 -19.29 -29.52
CA ILE C 65 0.61 -18.16 -28.65
C ILE C 65 -0.27 -18.29 -27.42
N HIS C 66 0.42 -18.30 -26.28
CA HIS C 66 -0.16 -18.42 -24.95
C HIS C 66 0.20 -17.17 -24.20
N ARG C 67 -0.52 -16.93 -23.11
CA ARG C 67 -0.36 -15.73 -22.35
C ARG C 67 -0.33 -16.04 -20.86
N LEU C 68 0.41 -15.20 -20.16
CA LEU C 68 0.68 -15.34 -18.74
C LEU C 68 0.35 -14.04 -18.02
N VAL C 69 -0.24 -14.18 -16.85
CA VAL C 69 -0.40 -13.08 -15.94
C VAL C 69 0.81 -13.07 -15.00
N LEU C 70 1.52 -11.95 -15.01
CA LEU C 70 2.66 -11.70 -14.14
C LEU C 70 2.47 -10.40 -13.39
N GLY C 71 3.39 -10.10 -12.48
CA GLY C 71 3.43 -8.82 -11.80
C GLY C 71 4.86 -8.38 -11.61
N THR C 72 5.03 -7.18 -11.08
CA THR C 72 6.34 -6.70 -10.64
C THR C 72 6.43 -6.68 -9.12
N HIS C 73 7.68 -6.70 -8.66
CA HIS C 73 8.04 -6.44 -7.27
C HIS C 73 9.27 -5.59 -7.39
N THR C 74 9.13 -4.29 -7.13
CA THR C 74 10.22 -3.36 -7.27
C THR C 74 10.66 -2.92 -5.91
N SER C 75 11.79 -2.27 -5.84
CA SER C 75 12.19 -1.61 -4.59
C SER C 75 11.56 -0.24 -4.36
N ASP C 76 11.93 0.76 -5.14
CA ASP C 76 11.39 2.12 -4.93
C ASP C 76 10.85 2.70 -6.24
N GLU C 77 10.18 1.87 -7.05
CA GLU C 77 9.81 2.22 -8.42
C GLU C 77 8.35 1.83 -8.67
N GLN C 78 7.77 2.42 -9.71
CA GLN C 78 6.37 2.14 -10.05
C GLN C 78 6.18 0.66 -10.38
N ASN C 79 5.20 0.03 -9.76
CA ASN C 79 4.88 -1.38 -10.06
C ASN C 79 3.87 -1.51 -11.19
N HIS C 80 3.81 -2.71 -11.78
CA HIS C 80 2.84 -3.03 -12.84
C HIS C 80 2.30 -4.44 -12.76
N LEU C 81 1.02 -4.58 -13.10
CA LEU C 81 0.41 -5.84 -13.47
C LEU C 81 0.77 -6.06 -14.93
N VAL C 82 1.14 -7.30 -15.27
CA VAL C 82 1.77 -7.60 -16.56
C VAL C 82 1.12 -8.78 -17.28
N ILE C 83 0.84 -8.63 -18.56
CA ILE C 83 0.40 -9.77 -19.40
C ILE C 83 1.53 -9.98 -20.40
N ALA C 84 2.10 -11.17 -20.38
CA ALA C 84 3.12 -11.58 -21.34
C ALA C 84 2.58 -12.64 -22.30
N SER C 85 3.16 -12.68 -23.49
CA SER C 85 2.92 -13.71 -24.47
C SER C 85 4.15 -14.62 -24.61
N VAL C 86 3.89 -15.90 -24.86
CA VAL C 86 4.91 -16.91 -25.02
C VAL C 86 4.52 -17.70 -26.26
N GLN C 87 5.47 -17.88 -27.19
CA GLN C 87 5.26 -18.80 -28.33
C GLN C 87 5.76 -20.19 -27.99
N LEU C 88 4.87 -21.19 -28.07
CA LEU C 88 5.21 -22.59 -27.78
C LEU C 88 4.98 -23.42 -29.03
N PRO C 89 5.80 -24.47 -29.25
CA PRO C 89 5.52 -25.39 -30.38
C PRO C 89 4.26 -26.24 -30.21
N ASN C 90 3.81 -26.82 -31.32
CA ASN C 90 2.64 -27.70 -31.35
C ASN C 90 2.97 -29.11 -30.83
N LYS C 116 9.65 -17.25 -28.63
CA LYS C 116 10.00 -15.99 -27.98
C LYS C 116 8.99 -15.63 -26.89
N ILE C 117 9.44 -14.77 -25.97
CA ILE C 117 8.65 -14.34 -24.81
C ILE C 117 8.62 -12.81 -24.81
N GLU C 118 7.42 -12.24 -24.80
CA GLU C 118 7.22 -10.79 -25.01
C GLU C 118 6.16 -10.24 -24.06
N ILE C 119 6.41 -9.07 -23.47
CA ILE C 119 5.43 -8.38 -22.64
C ILE C 119 4.41 -7.71 -23.55
N GLU C 120 3.12 -7.96 -23.37
CA GLU C 120 2.06 -7.32 -24.19
C GLU C 120 1.47 -6.09 -23.53
N ILE C 121 1.33 -6.10 -22.21
CA ILE C 121 0.58 -5.07 -21.50
C ILE C 121 1.17 -4.85 -20.10
N LYS C 122 1.38 -3.59 -19.74
CA LYS C 122 1.70 -3.21 -18.35
C LYS C 122 0.67 -2.19 -17.88
N ILE C 123 0.05 -2.48 -16.73
CA ILE C 123 -0.97 -1.64 -16.11
C ILE C 123 -0.45 -1.12 -14.75
N ASN C 124 -0.61 0.19 -14.49
CA ASN C 124 -0.11 0.76 -13.22
C ASN C 124 -0.75 0.07 -12.01
N HIS C 125 0.08 -0.29 -11.03
CA HIS C 125 -0.38 -0.97 -9.85
C HIS C 125 0.26 -0.36 -8.59
N GLU C 126 -0.54 -0.20 -7.52
CA GLU C 126 -0.11 0.38 -6.26
C GLU C 126 0.65 -0.64 -5.44
N GLY C 127 1.97 -0.52 -5.40
CA GLY C 127 2.83 -1.48 -4.74
C GLY C 127 2.98 -2.76 -5.53
N GLU C 128 3.81 -3.64 -5.00
CA GLU C 128 4.08 -4.91 -5.65
C GLU C 128 2.83 -5.79 -5.80
N VAL C 129 2.82 -6.63 -6.81
CA VAL C 129 1.71 -7.53 -7.04
C VAL C 129 2.01 -8.81 -6.24
N ASN C 130 1.41 -8.94 -5.07
CA ASN C 130 1.59 -10.14 -4.22
C ASN C 130 1.08 -11.40 -4.93
N ARG C 131 -0.09 -11.29 -5.54
CA ARG C 131 -0.69 -12.38 -6.28
C ARG C 131 -1.71 -11.78 -7.28
N ALA C 132 -1.81 -12.38 -8.47
CA ALA C 132 -2.74 -11.96 -9.49
C ALA C 132 -3.41 -13.22 -10.03
N ARG C 133 -4.74 -13.23 -10.06
CA ARG C 133 -5.53 -14.37 -10.55
C ARG C 133 -6.67 -13.93 -11.46
N TYR C 134 -6.79 -14.58 -12.61
CA TYR C 134 -7.89 -14.23 -13.57
C TYR C 134 -9.20 -14.89 -13.15
N MET C 135 -10.32 -14.27 -13.52
CA MET C 135 -11.64 -14.79 -13.21
C MET C 135 -11.99 -15.87 -14.24
N PRO C 136 -12.25 -17.13 -13.80
CA PRO C 136 -12.55 -18.26 -14.69
C PRO C 136 -13.64 -17.98 -15.69
N GLN C 137 -14.71 -17.33 -15.27
CA GLN C 137 -15.83 -17.03 -16.14
C GLN C 137 -15.60 -15.83 -17.09
N ASN C 138 -14.60 -14.99 -16.81
CA ASN C 138 -14.24 -13.89 -17.74
C ASN C 138 -12.76 -13.55 -17.51
N PRO C 139 -11.86 -14.20 -18.27
CA PRO C 139 -10.43 -14.09 -17.99
C PRO C 139 -9.79 -12.75 -18.40
N CYS C 140 -10.56 -11.79 -18.92
CA CYS C 140 -10.12 -10.38 -18.93
C CYS C 140 -10.04 -9.75 -17.56
N ILE C 141 -10.74 -10.32 -16.57
CA ILE C 141 -10.86 -9.77 -15.23
C ILE C 141 -9.80 -10.40 -14.34
N ILE C 142 -8.93 -9.55 -13.78
CA ILE C 142 -7.84 -10.04 -12.92
C ILE C 142 -7.91 -9.37 -11.56
N ALA C 143 -7.88 -10.19 -10.50
CA ALA C 143 -7.80 -9.69 -9.14
C ALA C 143 -6.35 -9.72 -8.71
N THR C 144 -5.94 -8.72 -7.93
CA THR C 144 -4.57 -8.63 -7.40
C THR C 144 -4.54 -8.25 -5.92
N LYS C 145 -3.50 -8.74 -5.23
CA LYS C 145 -3.25 -8.48 -3.81
C LYS C 145 -2.13 -7.45 -3.75
N THR C 146 -2.37 -6.36 -3.03
CA THR C 146 -1.39 -5.27 -2.91
C THR C 146 -0.79 -5.22 -1.52
N PRO C 147 0.36 -4.51 -1.34
CA PRO C 147 0.92 -4.48 0.01
C PRO C 147 0.12 -3.64 1.01
N SER C 148 -0.83 -2.81 0.53
CA SER C 148 -1.87 -2.31 1.39
C SER C 148 -2.92 -3.42 1.50
N SER C 149 -3.96 -3.16 2.25
CA SER C 149 -4.90 -4.26 2.49
C SER C 149 -5.87 -4.46 1.29
N ASP C 150 -5.89 -3.51 0.34
CA ASP C 150 -6.76 -3.55 -0.85
C ASP C 150 -6.51 -4.73 -1.78
N VAL C 151 -7.61 -5.36 -2.20
CA VAL C 151 -7.64 -6.26 -3.30
C VAL C 151 -8.14 -5.44 -4.50
N LEU C 152 -7.41 -5.49 -5.61
CA LEU C 152 -7.78 -4.69 -6.77
C LEU C 152 -8.31 -5.59 -7.88
N VAL C 153 -9.22 -5.05 -8.68
CA VAL C 153 -9.75 -5.79 -9.82
C VAL C 153 -9.57 -4.93 -11.07
N PHE C 154 -8.89 -5.52 -12.05
CA PHE C 154 -8.64 -4.93 -13.34
C PHE C 154 -9.33 -5.72 -14.46
N ASP C 155 -10.03 -5.03 -15.35
CA ASP C 155 -10.42 -5.61 -16.65
C ASP C 155 -9.32 -5.15 -17.58
N TYR C 156 -8.43 -6.05 -18.00
CA TYR C 156 -7.21 -5.60 -18.68
C TYR C 156 -7.42 -5.03 -20.09
N THR C 157 -8.59 -5.27 -20.68
CA THR C 157 -8.93 -4.71 -21.98
C THR C 157 -9.45 -3.28 -21.88
N LYS C 158 -9.61 -2.73 -20.67
CA LYS C 158 -10.07 -1.35 -20.46
C LYS C 158 -8.92 -0.39 -20.04
N HIS C 159 -7.68 -0.75 -20.32
CA HIS C 159 -6.50 0.05 -19.98
C HIS C 159 -5.63 0.12 -21.22
N PRO C 160 -4.83 1.19 -21.39
CA PRO C 160 -3.91 1.14 -22.53
C PRO C 160 -2.81 0.07 -22.33
N SER C 161 -2.20 -0.39 -23.42
CA SER C 161 -1.13 -1.41 -23.33
C SER C 161 0.10 -0.81 -22.63
N LYS C 162 0.42 0.42 -23.02
CA LYS C 162 1.45 1.23 -22.36
C LYS C 162 0.87 2.01 -21.16
N PRO C 163 1.52 1.93 -19.99
CA PRO C 163 0.97 2.62 -18.82
C PRO C 163 1.20 4.13 -18.82
N ASP C 164 0.37 4.87 -18.09
CA ASP C 164 0.57 6.32 -17.96
C ASP C 164 1.84 6.57 -17.12
N PRO C 165 2.76 7.45 -17.63
CA PRO C 165 3.95 7.85 -16.85
C PRO C 165 3.66 8.44 -15.47
N SER C 166 2.51 9.09 -15.30
CA SER C 166 2.08 9.60 -14.01
C SER C 166 2.16 8.58 -12.88
N GLY C 167 1.94 7.30 -13.21
CA GLY C 167 1.95 6.23 -12.23
C GLY C 167 0.64 6.04 -11.48
N GLU C 168 -0.40 6.81 -11.78
CA GLU C 168 -1.68 6.68 -11.09
C GLU C 168 -2.29 5.28 -11.34
N CYS C 169 -2.78 4.67 -10.28
CA CYS C 169 -3.49 3.40 -10.37
C CYS C 169 -4.98 3.68 -10.48
N ASN C 170 -5.62 3.19 -11.53
CA ASN C 170 -7.07 3.32 -11.69
C ASN C 170 -7.68 1.92 -11.81
N PRO C 171 -7.82 1.21 -10.68
CA PRO C 171 -8.45 -0.10 -10.80
C PRO C 171 -9.94 -0.01 -11.12
N ASP C 172 -10.46 -1.05 -11.72
CA ASP C 172 -11.88 -1.11 -12.00
C ASP C 172 -12.75 -1.38 -10.78
N LEU C 173 -12.22 -2.09 -9.78
CA LEU C 173 -12.82 -2.14 -8.44
C LEU C 173 -11.72 -2.10 -7.36
N ARG C 174 -12.05 -1.51 -6.22
CA ARG C 174 -11.25 -1.66 -5.01
C ARG C 174 -12.07 -2.42 -4.00
N LEU C 175 -11.53 -3.54 -3.53
CA LEU C 175 -12.20 -4.41 -2.59
C LEU C 175 -11.64 -4.22 -1.19
N ARG C 176 -12.47 -3.73 -0.29
CA ARG C 176 -12.10 -3.39 1.09
C ARG C 176 -12.56 -4.44 2.04
N GLY C 177 -11.85 -4.59 3.14
CA GLY C 177 -12.18 -5.55 4.18
C GLY C 177 -11.01 -5.93 5.04
N HIS C 178 -9.83 -6.06 4.45
CA HIS C 178 -8.64 -6.50 5.18
C HIS C 178 -7.99 -5.31 5.90
N GLN C 179 -7.24 -5.59 6.97
CA GLN C 179 -6.35 -4.60 7.61
C GLN C 179 -4.88 -4.80 7.26
N LYS C 180 -4.52 -5.91 6.61
CA LYS C 180 -3.13 -6.17 6.23
C LYS C 180 -3.06 -6.83 4.89
N GLU C 181 -1.87 -6.80 4.31
CA GLU C 181 -1.63 -7.53 3.05
C GLU C 181 -1.75 -9.05 3.21
N GLY C 182 -1.80 -9.72 2.08
CA GLY C 182 -1.87 -11.17 2.03
C GLY C 182 -1.50 -11.71 0.67
N TYR C 183 -1.69 -13.01 0.50
CA TYR C 183 -1.35 -13.69 -0.71
C TYR C 183 -2.51 -14.49 -1.26
N GLY C 184 -3.26 -15.21 -0.45
CA GLY C 184 -4.33 -16.07 -0.90
C GLY C 184 -5.41 -15.35 -1.68
N LEU C 185 -5.78 -15.91 -2.83
CA LEU C 185 -6.77 -15.29 -3.70
C LEU C 185 -7.42 -16.38 -4.52
N SER C 186 -8.76 -16.48 -4.51
CA SER C 186 -9.46 -17.52 -5.27
C SER C 186 -10.83 -17.11 -5.76
N TRP C 187 -11.04 -17.22 -7.08
CA TRP C 187 -12.35 -16.99 -7.66
C TRP C 187 -13.19 -18.28 -7.66
N ASN C 188 -14.47 -18.15 -7.32
CA ASN C 188 -15.38 -19.28 -7.30
C ASN C 188 -15.67 -19.70 -8.75
N PRO C 189 -15.23 -20.91 -9.18
CA PRO C 189 -15.55 -21.35 -10.55
C PRO C 189 -17.01 -21.70 -10.78
N ASN C 190 -17.85 -21.73 -9.75
CA ASN C 190 -19.26 -22.07 -9.90
C ASN C 190 -20.22 -20.93 -9.61
N LEU C 191 -19.71 -19.81 -9.14
CA LEU C 191 -20.53 -18.61 -8.84
C LEU C 191 -19.67 -17.43 -9.30
N SER C 192 -19.94 -16.89 -10.47
CA SER C 192 -19.12 -15.80 -11.01
C SER C 192 -19.11 -14.57 -10.09
N GLY C 193 -17.93 -14.01 -9.93
CA GLY C 193 -17.74 -12.82 -9.13
C GLY C 193 -17.63 -13.00 -7.62
N HIS C 194 -17.64 -14.22 -7.11
CA HIS C 194 -17.42 -14.48 -5.69
C HIS C 194 -15.93 -14.78 -5.52
N LEU C 195 -15.26 -13.89 -4.79
CA LEU C 195 -13.82 -13.89 -4.65
C LEU C 195 -13.46 -14.01 -3.19
N LEU C 196 -12.52 -14.91 -2.89
CA LEU C 196 -11.96 -15.10 -1.55
C LEU C 196 -10.56 -14.57 -1.52
N SER C 197 -10.18 -14.05 -0.36
CA SER C 197 -8.86 -13.54 -0.15
C SER C 197 -8.41 -13.83 1.26
N ALA C 198 -7.14 -14.17 1.42
CA ALA C 198 -6.56 -14.44 2.74
C ALA C 198 -5.51 -13.41 3.08
N SER C 199 -5.40 -13.07 4.36
CA SER C 199 -4.52 -12.00 4.80
C SER C 199 -3.73 -12.29 6.04
N ASP C 200 -2.64 -11.54 6.18
CA ASP C 200 -1.83 -11.49 7.41
C ASP C 200 -2.60 -10.96 8.62
N ASP C 201 -3.78 -10.36 8.43
CA ASP C 201 -4.66 -9.95 9.54
C ASP C 201 -5.49 -11.07 10.21
N HIS C 202 -5.25 -12.32 9.82
CA HIS C 202 -5.88 -13.51 10.41
C HIS C 202 -7.27 -13.79 9.82
N THR C 203 -7.69 -13.04 8.79
CA THR C 203 -9.04 -13.14 8.28
C THR C 203 -9.06 -13.59 6.83
N ILE C 204 -10.21 -14.14 6.42
CA ILE C 204 -10.53 -14.39 5.03
C ILE C 204 -11.70 -13.48 4.66
N CYS C 205 -11.57 -12.73 3.58
CA CYS C 205 -12.69 -11.90 3.07
C CYS C 205 -13.34 -12.52 1.85
N LEU C 206 -14.67 -12.44 1.81
CA LEU C 206 -15.49 -12.78 0.62
C LEU C 206 -16.12 -11.50 0.03
N TRP C 207 -15.92 -11.28 -1.25
CA TRP C 207 -16.68 -10.28 -1.98
C TRP C 207 -17.51 -10.94 -3.07
N ASP C 208 -18.71 -10.40 -3.27
CA ASP C 208 -19.57 -10.74 -4.41
C ASP C 208 -19.66 -9.50 -5.29
N ILE C 209 -18.91 -9.49 -6.39
CA ILE C 209 -18.86 -8.32 -7.28
C ILE C 209 -19.77 -8.44 -8.49
N SER C 210 -20.43 -9.58 -8.65
CA SER C 210 -21.18 -9.94 -9.87
C SER C 210 -22.26 -8.99 -10.37
N ALA C 211 -22.99 -8.35 -9.43
CA ALA C 211 -23.98 -7.32 -9.75
C ALA C 211 -23.45 -5.90 -9.63
N VAL C 212 -22.13 -5.73 -9.46
CA VAL C 212 -21.55 -4.40 -9.29
C VAL C 212 -20.88 -3.98 -10.60
N PRO C 213 -21.32 -2.85 -11.19
CA PRO C 213 -20.61 -2.32 -12.37
C PRO C 213 -19.12 -2.04 -12.10
N LYS C 214 -18.25 -2.39 -13.04
CA LYS C 214 -16.81 -2.24 -12.90
C LYS C 214 -16.30 -0.86 -13.34
N GLU C 215 -16.65 0.18 -12.57
CA GLU C 215 -16.34 1.59 -12.92
C GLU C 215 -15.66 2.34 -11.75
N GLY C 216 -14.77 1.67 -11.02
CA GLY C 216 -13.91 2.29 -10.01
C GLY C 216 -14.46 2.33 -8.59
N LYS C 217 -15.53 1.60 -8.32
CA LYS C 217 -16.25 1.74 -7.06
C LYS C 217 -15.51 0.96 -5.96
N VAL C 218 -15.81 1.29 -4.71
CA VAL C 218 -15.26 0.61 -3.55
C VAL C 218 -16.34 -0.36 -3.05
N VAL C 219 -15.98 -1.63 -2.91
CA VAL C 219 -16.92 -2.67 -2.49
C VAL C 219 -16.39 -3.23 -1.15
N ASP C 220 -17.19 -3.20 -0.09
CA ASP C 220 -16.84 -3.85 1.17
C ASP C 220 -17.13 -5.36 1.13
N ALA C 221 -16.44 -6.11 1.97
CA ALA C 221 -16.58 -7.57 2.01
C ALA C 221 -17.99 -7.95 2.40
N LYS C 222 -18.58 -8.87 1.65
CA LYS C 222 -19.85 -9.46 2.05
C LYS C 222 -19.74 -10.18 3.40
N THR C 223 -18.64 -10.89 3.61
CA THR C 223 -18.48 -11.78 4.77
C THR C 223 -17.00 -11.86 5.10
N ILE C 224 -16.70 -11.91 6.40
CA ILE C 224 -15.33 -12.06 6.91
C ILE C 224 -15.29 -13.30 7.83
N PHE C 225 -14.37 -14.21 7.53
CA PHE C 225 -14.25 -15.46 8.27
C PHE C 225 -13.04 -15.34 9.17
N THR C 226 -13.25 -15.56 10.46
CA THR C 226 -12.29 -15.21 11.50
C THR C 226 -11.82 -16.44 12.30
N GLY C 227 -11.86 -17.63 11.70
CA GLY C 227 -11.57 -18.86 12.44
C GLY C 227 -10.11 -19.06 12.77
N HIS C 228 -9.22 -18.64 11.88
CA HIS C 228 -7.80 -18.76 12.16
C HIS C 228 -7.33 -17.76 13.25
N THR C 229 -6.27 -18.16 13.93
CA THR C 229 -5.68 -17.35 15.00
C THR C 229 -4.32 -16.78 14.57
N ALA C 230 -3.99 -16.86 13.29
CA ALA C 230 -2.69 -16.44 12.78
C ALA C 230 -2.81 -16.09 11.32
N VAL C 231 -1.71 -15.60 10.74
CA VAL C 231 -1.64 -15.22 9.32
C VAL C 231 -2.27 -16.34 8.46
N VAL C 232 -3.24 -15.97 7.61
CA VAL C 232 -3.87 -16.92 6.71
C VAL C 232 -3.11 -16.83 5.38
N GLU C 233 -2.50 -17.95 5.01
CA GLU C 233 -1.53 -17.99 3.92
C GLU C 233 -2.20 -18.25 2.57
N ASP C 234 -3.28 -19.02 2.56
CA ASP C 234 -3.93 -19.41 1.29
C ASP C 234 -5.39 -19.76 1.48
N VAL C 235 -6.12 -19.62 0.38
CA VAL C 235 -7.53 -19.92 0.38
C VAL C 235 -7.90 -20.41 -1.02
N SER C 236 -8.80 -21.39 -1.09
CA SER C 236 -9.20 -21.94 -2.38
C SER C 236 -10.60 -22.46 -2.35
N TRP C 237 -11.37 -22.16 -3.39
CA TRP C 237 -12.72 -22.69 -3.52
C TRP C 237 -12.64 -24.17 -3.91
N HIS C 238 -13.58 -24.99 -3.44
CA HIS C 238 -13.78 -26.31 -4.06
C HIS C 238 -14.22 -26.09 -5.54
N LEU C 239 -13.77 -27.01 -6.39
CA LEU C 239 -14.01 -26.92 -7.83
C LEU C 239 -15.40 -27.32 -8.26
N LEU C 240 -16.13 -28.06 -7.42
CA LEU C 240 -17.49 -28.52 -7.72
C LEU C 240 -18.59 -27.98 -6.82
N HIS C 241 -18.33 -27.80 -5.55
CA HIS C 241 -19.38 -27.44 -4.61
C HIS C 241 -19.23 -25.94 -4.37
N GLU C 242 -20.23 -25.19 -4.82
CA GLU C 242 -20.18 -23.74 -4.85
C GLU C 242 -20.08 -23.10 -3.45
N SER C 243 -20.50 -23.81 -2.41
CA SER C 243 -20.50 -23.29 -1.04
C SER C 243 -19.22 -23.57 -0.23
N LEU C 244 -18.31 -24.34 -0.79
CA LEU C 244 -17.26 -25.01 -0.05
C LEU C 244 -15.90 -24.41 -0.41
N PHE C 245 -15.12 -24.05 0.62
CA PHE C 245 -13.73 -23.64 0.42
C PHE C 245 -12.81 -24.05 1.56
N GLY C 246 -11.52 -24.01 1.26
CA GLY C 246 -10.50 -24.35 2.22
C GLY C 246 -9.57 -23.17 2.46
N SER C 247 -9.05 -23.10 3.68
CA SER C 247 -8.00 -22.17 4.06
C SER C 247 -6.93 -22.88 4.88
N VAL C 248 -5.72 -22.31 4.82
CA VAL C 248 -4.59 -22.81 5.55
C VAL C 248 -3.82 -21.63 6.13
N ALA C 249 -3.23 -21.87 7.29
CA ALA C 249 -2.63 -20.73 8.05
C ALA C 249 -1.40 -21.12 8.81
N ASP C 250 -0.76 -20.08 9.35
CA ASP C 250 0.37 -20.23 10.23
C ASP C 250 0.05 -20.88 11.58
N ASP C 251 -1.23 -20.95 11.95
CA ASP C 251 -1.67 -21.77 13.10
C ASP C 251 -1.62 -23.31 12.84
N GLN C 252 -1.13 -23.71 11.66
CA GLN C 252 -0.85 -25.12 11.32
C GLN C 252 -2.13 -25.89 10.90
N LYS C 253 -3.22 -25.15 10.70
CA LYS C 253 -4.52 -25.71 10.45
C LYS C 253 -4.93 -25.61 8.99
N LEU C 254 -5.62 -26.66 8.55
CA LEU C 254 -6.45 -26.67 7.35
C LEU C 254 -7.87 -26.54 7.85
N MET C 255 -8.57 -25.51 7.35
CA MET C 255 -9.96 -25.35 7.67
C MET C 255 -10.83 -25.47 6.40
N ILE C 256 -11.98 -26.12 6.54
CA ILE C 256 -12.95 -26.32 5.48
C ILE C 256 -14.18 -25.55 5.89
N TRP C 257 -14.59 -24.63 5.02
CA TRP C 257 -15.65 -23.69 5.29
C TRP C 257 -16.83 -23.95 4.33
N ASP C 258 -18.03 -23.67 4.83
CA ASP C 258 -19.23 -23.76 4.05
C ASP C 258 -19.92 -22.41 4.17
N THR C 259 -20.11 -21.72 3.05
CA THR C 259 -20.75 -20.39 3.06
C THR C 259 -22.21 -20.38 3.53
N ARG C 260 -22.88 -21.53 3.53
CA ARG C 260 -24.27 -21.63 4.04
C ARG C 260 -24.37 -21.60 5.57
N SER C 261 -23.26 -21.81 6.26
CA SER C 261 -23.22 -21.71 7.72
C SER C 261 -23.36 -20.25 8.18
N ASN C 262 -24.22 -20.01 9.17
CA ASN C 262 -24.31 -18.69 9.81
C ASN C 262 -23.13 -18.31 10.72
N ASN C 263 -22.28 -19.27 11.08
CA ASN C 263 -21.16 -19.02 11.98
C ASN C 263 -19.85 -18.81 11.20
N THR C 264 -19.41 -17.55 11.13
CA THR C 264 -18.19 -17.17 10.42
C THR C 264 -16.92 -17.23 11.29
N SER C 265 -17.05 -17.51 12.59
CA SER C 265 -15.88 -17.72 13.45
C SER C 265 -15.45 -19.19 13.61
N LYS C 266 -16.24 -20.15 13.11
CA LYS C 266 -15.96 -21.59 13.27
C LYS C 266 -16.20 -22.26 11.91
N PRO C 267 -15.20 -22.97 11.37
CA PRO C 267 -15.35 -23.67 10.10
C PRO C 267 -16.11 -25.01 10.29
N SER C 268 -16.49 -25.69 9.20
CA SER C 268 -17.12 -27.02 9.29
C SER C 268 -16.14 -28.06 9.78
N HIS C 269 -14.90 -28.00 9.29
CA HIS C 269 -13.82 -28.92 9.73
C HIS C 269 -12.56 -28.12 9.98
N SER C 270 -11.80 -28.57 10.98
CA SER C 270 -10.54 -27.97 11.40
C SER C 270 -9.55 -29.09 11.65
N VAL C 271 -8.47 -29.10 10.90
CA VAL C 271 -7.50 -30.16 10.86
C VAL C 271 -6.14 -29.60 11.27
N ASP C 272 -5.52 -30.27 12.24
CA ASP C 272 -4.11 -30.05 12.57
C ASP C 272 -3.28 -30.70 11.47
N ALA C 273 -2.89 -29.94 10.46
CA ALA C 273 -2.42 -30.50 9.19
C ALA C 273 -0.94 -30.84 9.16
N HIS C 274 -0.13 -30.01 9.84
CA HIS C 274 1.31 -30.03 9.68
C HIS C 274 1.95 -29.61 11.02
N THR C 275 3.27 -29.80 11.14
CA THR C 275 4.01 -29.39 12.36
C THR C 275 4.68 -27.99 12.22
N ALA C 276 4.29 -27.25 11.20
CA ALA C 276 4.70 -25.85 11.04
C ALA C 276 3.66 -25.18 10.18
N GLU C 277 3.94 -23.93 9.77
CA GLU C 277 3.01 -23.13 9.01
C GLU C 277 2.57 -23.85 7.75
N VAL C 278 1.30 -23.69 7.41
CA VAL C 278 0.77 -24.24 6.16
C VAL C 278 0.57 -23.10 5.16
N ASN C 279 1.28 -23.16 4.05
CA ASN C 279 1.41 -22.05 3.09
C ASN C 279 0.53 -22.10 1.88
N CYS C 280 0.03 -23.28 1.53
CA CYS C 280 -0.72 -23.46 0.29
C CYS C 280 -1.61 -24.69 0.32
N LEU C 281 -2.65 -24.65 -0.46
CA LEU C 281 -3.54 -25.79 -0.68
C LEU C 281 -4.00 -25.81 -2.09
N SER C 282 -4.48 -26.96 -2.52
CA SER C 282 -5.01 -27.14 -3.87
C SER C 282 -5.97 -28.30 -3.88
N PHE C 283 -7.19 -28.08 -4.36
CA PHE C 283 -8.18 -29.16 -4.55
C PHE C 283 -7.95 -29.88 -5.88
N ASN C 284 -8.08 -31.21 -5.88
CA ASN C 284 -7.81 -32.02 -7.06
C ASN C 284 -8.97 -31.75 -8.04
N PRO C 285 -8.68 -31.38 -9.29
CA PRO C 285 -9.79 -31.04 -10.24
C PRO C 285 -10.57 -32.21 -10.79
N TYR C 286 -10.08 -33.43 -10.63
CA TYR C 286 -10.76 -34.64 -11.04
C TYR C 286 -11.32 -35.51 -9.92
N SER C 287 -10.85 -35.32 -8.70
CA SER C 287 -11.21 -36.14 -7.57
C SER C 287 -11.82 -35.27 -6.50
N GLU C 288 -13.14 -35.22 -6.43
CA GLU C 288 -13.82 -34.22 -5.61
C GLU C 288 -13.59 -34.30 -4.09
N PHE C 289 -13.04 -35.42 -3.58
CA PHE C 289 -12.77 -35.53 -2.16
C PHE C 289 -11.31 -35.27 -1.81
N ILE C 290 -10.45 -35.05 -2.79
CA ILE C 290 -9.02 -35.02 -2.58
C ILE C 290 -8.47 -33.57 -2.63
N LEU C 291 -7.58 -33.27 -1.69
CA LEU C 291 -6.81 -32.04 -1.77
C LEU C 291 -5.43 -32.21 -1.19
N ALA C 292 -4.56 -31.22 -1.43
CA ALA C 292 -3.19 -31.26 -0.99
C ALA C 292 -2.82 -29.98 -0.29
N THR C 293 -1.96 -30.06 0.75
CA THR C 293 -1.44 -28.87 1.45
C THR C 293 0.07 -28.90 1.51
N GLY C 294 0.71 -27.73 1.45
CA GLY C 294 2.17 -27.61 1.49
C GLY C 294 2.60 -26.73 2.66
N SER C 295 3.74 -27.06 3.26
CA SER C 295 4.09 -26.56 4.58
C SER C 295 5.54 -26.17 4.78
N ALA C 296 5.78 -25.29 5.76
CA ALA C 296 7.12 -25.05 6.22
C ALA C 296 7.76 -26.28 6.87
N ASP C 297 6.99 -27.34 7.12
CA ASP C 297 7.59 -28.62 7.61
C ASP C 297 8.26 -29.45 6.49
N LYS C 298 8.25 -28.89 5.27
CA LYS C 298 8.93 -29.43 4.10
C LYS C 298 8.17 -30.59 3.43
N THR C 299 6.90 -30.76 3.79
CA THR C 299 6.10 -31.86 3.25
C THR C 299 4.88 -31.32 2.52
N VAL C 300 4.35 -32.11 1.61
CA VAL C 300 3.04 -31.92 1.07
C VAL C 300 2.19 -33.02 1.69
N ALA C 301 1.05 -32.65 2.27
CA ALA C 301 0.09 -33.63 2.78
C ALA C 301 -1.07 -33.85 1.78
N LEU C 302 -1.50 -35.09 1.67
CA LEU C 302 -2.68 -35.50 0.88
C LEU C 302 -3.85 -35.77 1.82
N TRP C 303 -5.00 -35.17 1.51
CA TRP C 303 -6.18 -35.22 2.38
C TRP C 303 -7.39 -35.76 1.61
N ASP C 304 -8.26 -36.48 2.33
CA ASP C 304 -9.56 -36.92 1.87
C ASP C 304 -10.61 -36.23 2.75
N LEU C 305 -11.42 -35.38 2.13
CA LEU C 305 -12.47 -34.62 2.83
C LEU C 305 -13.44 -35.47 3.62
N ARG C 306 -13.64 -36.71 3.23
CA ARG C 306 -14.55 -37.61 3.95
C ARG C 306 -13.97 -38.12 5.27
N ASN C 307 -12.65 -38.04 5.44
CA ASN C 307 -12.03 -38.45 6.70
C ASN C 307 -10.79 -37.63 6.98
N LEU C 308 -11.00 -36.40 7.44
CA LEU C 308 -9.86 -35.49 7.68
C LEU C 308 -9.02 -35.77 8.96
N LYS C 309 -9.42 -36.75 9.77
CA LYS C 309 -8.62 -37.18 10.94
C LYS C 309 -7.35 -37.92 10.51
N LEU C 310 -7.32 -38.48 9.30
CA LEU C 310 -6.24 -39.35 8.84
C LEU C 310 -5.61 -38.77 7.58
N LYS C 311 -4.40 -38.20 7.71
CA LYS C 311 -3.63 -37.74 6.55
C LYS C 311 -3.44 -38.95 5.62
N LEU C 312 -3.75 -38.85 4.32
CA LEU C 312 -3.59 -40.02 3.42
C LEU C 312 -2.12 -40.36 3.10
N HIS C 313 -1.29 -39.33 2.94
CA HIS C 313 0.11 -39.53 2.54
C HIS C 313 0.84 -38.24 2.83
N SER C 314 2.15 -38.39 3.01
CA SER C 314 3.04 -37.26 3.18
C SER C 314 4.13 -37.39 2.11
N PHE C 315 4.19 -36.41 1.22
CA PHE C 315 5.21 -36.40 0.17
C PHE C 315 6.42 -35.68 0.72
N GLU C 316 7.56 -36.37 0.73
CA GLU C 316 8.79 -35.89 1.35
C GLU C 316 9.94 -35.96 0.34
N SER C 317 10.65 -34.85 0.22
CA SER C 317 11.87 -34.67 -0.61
C SER C 317 12.34 -33.22 -0.61
N HIS C 318 11.43 -32.27 -0.43
CA HIS C 318 11.86 -30.89 -0.29
C HIS C 318 12.77 -30.70 0.91
N LYS C 319 13.78 -29.86 0.74
CA LYS C 319 14.75 -29.55 1.78
C LYS C 319 14.46 -28.24 2.49
N ASP C 320 13.37 -27.56 2.16
CA ASP C 320 13.00 -26.30 2.82
C ASP C 320 11.52 -26.03 2.61
N GLU C 321 11.06 -24.92 3.17
CA GLU C 321 9.66 -24.50 3.17
C GLU C 321 8.97 -24.52 1.75
N ILE C 322 7.74 -25.05 1.71
CA ILE C 322 6.97 -25.16 0.50
C ILE C 322 5.96 -24.03 0.52
N PHE C 323 5.89 -23.29 -0.57
CA PHE C 323 4.98 -22.16 -0.70
C PHE C 323 3.89 -22.32 -1.75
N GLN C 324 4.08 -23.21 -2.73
CA GLN C 324 3.04 -23.48 -3.71
C GLN C 324 2.87 -24.98 -3.99
N VAL C 325 1.62 -25.39 -4.15
CA VAL C 325 1.24 -26.72 -4.59
C VAL C 325 0.12 -26.62 -5.63
N GLN C 326 0.24 -27.31 -6.74
CA GLN C 326 -0.77 -27.28 -7.79
C GLN C 326 -0.95 -28.66 -8.44
N TRP C 327 -2.19 -29.10 -8.52
CA TRP C 327 -2.54 -30.29 -9.30
C TRP C 327 -2.41 -30.06 -10.80
N SER C 328 -1.98 -31.09 -11.53
CA SER C 328 -2.04 -31.06 -12.99
C SER C 328 -3.46 -30.81 -13.52
N PRO C 329 -3.63 -29.89 -14.49
CA PRO C 329 -4.93 -29.76 -15.14
C PRO C 329 -5.32 -30.95 -16.00
N HIS C 330 -4.37 -31.82 -16.36
CA HIS C 330 -4.62 -32.89 -17.30
C HIS C 330 -4.61 -34.28 -16.68
N ASN C 331 -3.90 -34.50 -15.57
CA ASN C 331 -3.66 -35.85 -15.04
C ASN C 331 -3.97 -35.91 -13.55
N GLU C 332 -5.02 -36.65 -13.22
CA GLU C 332 -5.58 -36.70 -11.86
C GLU C 332 -4.62 -37.16 -10.77
N THR C 333 -3.60 -37.93 -11.10
CA THR C 333 -2.64 -38.41 -10.11
C THR C 333 -1.37 -37.55 -10.01
N ILE C 334 -1.32 -36.40 -10.71
CA ILE C 334 -0.10 -35.64 -10.81
C ILE C 334 -0.25 -34.30 -10.11
N LEU C 335 0.70 -33.97 -9.24
CA LEU C 335 0.77 -32.64 -8.63
C LEU C 335 2.19 -32.17 -8.52
N ALA C 336 2.35 -30.88 -8.32
CA ALA C 336 3.66 -30.27 -8.21
C ALA C 336 3.71 -29.33 -7.02
N SER C 337 4.92 -29.10 -6.54
CA SER C 337 5.18 -28.28 -5.36
C SER C 337 6.48 -27.52 -5.54
N SER C 338 6.55 -26.34 -4.94
CA SER C 338 7.77 -25.53 -4.97
C SER C 338 7.97 -24.74 -3.70
N GLY C 339 9.18 -24.22 -3.53
CA GLY C 339 9.39 -23.15 -2.54
C GLY C 339 10.83 -22.71 -2.37
N THR C 340 11.22 -22.56 -1.10
CA THR C 340 12.49 -21.99 -0.70
C THR C 340 13.71 -22.81 -1.08
N ASP C 341 13.58 -24.13 -1.22
CA ASP C 341 14.75 -24.95 -1.63
C ASP C 341 15.12 -24.84 -3.13
N ARG C 342 14.40 -23.98 -3.88
CA ARG C 342 14.72 -23.65 -5.28
C ARG C 342 14.45 -24.83 -6.26
N ARG C 343 13.57 -25.74 -5.83
CA ARG C 343 13.25 -26.94 -6.60
C ARG C 343 11.78 -26.93 -6.82
N LEU C 344 11.36 -27.44 -7.96
CA LEU C 344 9.98 -27.68 -8.22
C LEU C 344 9.90 -29.18 -8.37
N ASN C 345 9.15 -29.83 -7.49
CA ASN C 345 9.00 -31.30 -7.51
C ASN C 345 7.67 -31.66 -8.17
N VAL C 346 7.70 -32.66 -9.05
CA VAL C 346 6.48 -33.23 -9.62
C VAL C 346 6.25 -34.62 -9.02
N TRP C 347 5.05 -34.84 -8.49
CA TRP C 347 4.69 -36.09 -7.86
C TRP C 347 3.61 -36.87 -8.66
N ASP C 348 3.71 -38.21 -8.61
CA ASP C 348 2.73 -39.13 -9.16
C ASP C 348 2.20 -40.08 -8.07
N LEU C 349 0.98 -39.79 -7.60
CA LEU C 349 0.40 -40.52 -6.49
C LEU C 349 0.07 -41.99 -6.79
N SER C 350 -0.05 -42.33 -8.07
CA SER C 350 -0.25 -43.70 -8.47
C SER C 350 1.01 -44.58 -8.23
N LYS C 351 2.17 -43.96 -8.07
CA LYS C 351 3.41 -44.69 -7.79
C LYS C 351 3.67 -44.90 -6.29
N ILE C 352 2.79 -44.42 -5.42
CA ILE C 352 2.91 -44.66 -3.97
C ILE C 352 2.88 -46.16 -3.70
N GLY C 353 3.93 -46.69 -3.08
CA GLY C 353 4.00 -48.14 -2.77
C GLY C 353 4.83 -48.99 -3.71
N GLU C 354 5.16 -48.48 -4.90
CA GLU C 354 5.95 -49.25 -5.88
C GLU C 354 7.35 -49.62 -5.33
N GLU C 355 7.91 -50.73 -5.83
CA GLU C 355 9.27 -51.19 -5.46
C GLU C 355 10.36 -50.48 -6.30
N GLN C 356 11.58 -50.45 -5.77
CA GLN C 356 12.74 -49.80 -6.44
C GLN C 356 14.09 -50.29 -5.86
N SER C 357 15.17 -50.18 -6.64
CA SER C 357 16.51 -50.61 -6.17
C SER C 357 16.93 -49.80 -4.93
N GLU C 362 16.62 -45.32 -2.82
CA GLU C 362 17.05 -44.88 -4.14
C GLU C 362 17.39 -43.37 -4.11
N ASP C 363 17.35 -42.70 -5.26
CA ASP C 363 17.49 -41.24 -5.33
C ASP C 363 16.21 -40.46 -4.87
N GLY C 364 15.23 -41.18 -4.31
CA GLY C 364 14.02 -40.57 -3.78
C GLY C 364 12.90 -41.60 -3.71
N PRO C 365 11.76 -41.22 -3.12
CA PRO C 365 10.65 -42.17 -3.05
C PRO C 365 10.02 -42.41 -4.43
N PRO C 366 9.29 -43.52 -4.59
CA PRO C 366 8.77 -43.88 -5.92
C PRO C 366 7.80 -42.86 -6.53
N GLU C 367 7.02 -42.18 -5.68
CA GLU C 367 6.05 -41.17 -6.11
C GLU C 367 6.64 -39.80 -6.54
N LEU C 368 7.96 -39.62 -6.44
CA LEU C 368 8.62 -38.41 -6.95
C LEU C 368 8.93 -38.67 -8.41
N LEU C 369 8.19 -38.04 -9.29
CA LEU C 369 8.36 -38.25 -10.73
C LEU C 369 9.56 -37.48 -11.29
N PHE C 370 9.74 -36.23 -10.86
CA PHE C 370 10.71 -35.34 -11.47
C PHE C 370 11.09 -34.23 -10.53
N ILE C 371 12.35 -33.84 -10.55
CA ILE C 371 12.82 -32.65 -9.84
C ILE C 371 13.32 -31.66 -10.86
N HIS C 372 12.68 -30.50 -10.92
CA HIS C 372 13.15 -29.42 -11.76
C HIS C 372 14.15 -28.56 -10.98
N GLY C 373 15.40 -28.55 -11.41
CA GLY C 373 16.47 -27.77 -10.75
C GLY C 373 17.01 -26.59 -11.54
N GLY C 374 16.18 -25.98 -12.39
CA GLY C 374 16.62 -24.92 -13.28
C GLY C 374 16.71 -23.55 -12.61
N HIS C 375 16.06 -23.38 -11.45
CA HIS C 375 16.09 -22.12 -10.74
C HIS C 375 17.22 -22.07 -9.73
N THR C 376 17.87 -20.91 -9.66
CA THR C 376 18.96 -20.65 -8.72
C THR C 376 18.57 -19.72 -7.57
N ALA C 377 17.28 -19.50 -7.37
CA ALA C 377 16.78 -18.71 -6.25
C ALA C 377 15.42 -19.24 -5.87
N LYS C 378 14.88 -18.76 -4.75
CA LYS C 378 13.55 -19.17 -4.28
C LYS C 378 12.52 -19.05 -5.40
N ILE C 379 11.70 -20.10 -5.57
CA ILE C 379 10.61 -20.08 -6.54
C ILE C 379 9.42 -19.43 -5.85
N SER C 380 8.88 -18.39 -6.44
CA SER C 380 7.76 -17.63 -5.85
C SER C 380 6.40 -18.14 -6.29
N ASP C 381 6.28 -18.64 -7.51
CA ASP C 381 4.98 -19.14 -8.00
C ASP C 381 5.21 -19.99 -9.22
N PHE C 382 4.23 -20.81 -9.57
CA PHE C 382 4.26 -21.55 -10.84
C PHE C 382 2.86 -21.90 -11.29
N SER C 383 2.74 -22.26 -12.55
CA SER C 383 1.45 -22.51 -13.19
C SER C 383 1.61 -23.59 -14.23
N TRP C 384 0.74 -24.57 -14.20
CA TRP C 384 0.65 -25.57 -15.24
C TRP C 384 -0.12 -24.99 -16.42
N ASN C 385 0.42 -25.15 -17.61
CA ASN C 385 -0.24 -24.65 -18.82
C ASN C 385 -1.49 -25.50 -19.10
N PRO C 386 -2.67 -24.86 -19.19
CA PRO C 386 -3.92 -25.61 -19.33
C PRO C 386 -4.18 -26.19 -20.73
N ASN C 387 -3.40 -25.80 -21.73
CA ASN C 387 -3.62 -26.23 -23.10
C ASN C 387 -2.52 -27.14 -23.62
N GLU C 388 -1.35 -27.18 -22.99
CA GLU C 388 -0.25 -28.03 -23.44
C GLU C 388 0.17 -28.88 -22.26
N PRO C 389 -0.24 -30.15 -22.26
CA PRO C 389 0.07 -31.06 -21.14
C PRO C 389 1.54 -31.03 -20.79
N TRP C 390 1.81 -30.97 -19.48
CA TRP C 390 3.17 -31.06 -18.94
C TRP C 390 4.02 -29.78 -19.05
N VAL C 391 3.52 -28.74 -19.70
CA VAL C 391 4.24 -27.47 -19.73
C VAL C 391 3.99 -26.69 -18.43
N ILE C 392 5.06 -26.21 -17.81
CA ILE C 392 4.98 -25.41 -16.59
C ILE C 392 5.74 -24.09 -16.79
N CYS C 393 5.19 -23.02 -16.25
CA CYS C 393 5.91 -21.77 -16.10
C CYS C 393 6.25 -21.60 -14.63
N SER C 394 7.51 -21.31 -14.30
CA SER C 394 7.89 -21.05 -12.89
C SER C 394 8.73 -19.77 -12.82
N VAL C 395 8.52 -18.98 -11.76
CA VAL C 395 9.18 -17.69 -11.57
C VAL C 395 9.87 -17.65 -10.22
N SER C 396 11.07 -17.08 -10.19
CA SER C 396 11.87 -16.98 -8.98
C SER C 396 12.31 -15.53 -8.62
N GLU C 397 12.82 -15.40 -7.39
CA GLU C 397 13.19 -14.09 -6.78
C GLU C 397 14.32 -13.32 -7.45
N ASP C 398 15.15 -14.02 -8.22
CA ASP C 398 16.23 -13.43 -9.01
C ASP C 398 15.82 -12.94 -10.42
N ASN C 399 14.52 -12.76 -10.67
CA ASN C 399 13.94 -12.25 -11.95
C ASN C 399 13.75 -13.31 -13.06
N ILE C 400 14.10 -14.56 -12.80
CA ILE C 400 14.05 -15.61 -13.82
C ILE C 400 12.63 -16.14 -13.96
N MET C 401 12.20 -16.27 -15.22
CA MET C 401 10.99 -17.00 -15.61
C MET C 401 11.41 -18.16 -16.50
N GLN C 402 10.93 -19.36 -16.20
CA GLN C 402 11.20 -20.53 -17.02
C GLN C 402 9.91 -21.16 -17.47
N VAL C 403 9.86 -21.53 -18.74
CA VAL C 403 8.77 -22.29 -19.31
C VAL C 403 9.38 -23.59 -19.75
N TRP C 404 8.89 -24.70 -19.23
CA TRP C 404 9.57 -25.96 -19.43
C TRP C 404 8.66 -27.17 -19.41
N GLN C 405 9.16 -28.26 -19.97
CA GLN C 405 8.42 -29.49 -20.09
C GLN C 405 9.38 -30.64 -19.94
N MET C 406 9.14 -31.51 -18.94
CA MET C 406 9.97 -32.70 -18.79
C MET C 406 9.84 -33.62 -20.00
N ALA C 407 10.86 -34.45 -20.21
CA ALA C 407 10.88 -35.37 -21.35
C ALA C 407 9.73 -36.38 -21.29
N GLU C 408 9.23 -36.77 -22.47
CA GLU C 408 8.07 -37.68 -22.55
C GLU C 408 8.34 -39.03 -21.91
N ASN C 409 9.52 -39.59 -22.13
CA ASN C 409 9.89 -40.89 -21.57
C ASN C 409 9.85 -40.95 -20.03
N ILE C 410 9.92 -39.80 -19.35
CA ILE C 410 9.84 -39.76 -17.88
C ILE C 410 8.43 -40.06 -17.33
N TYR C 411 7.39 -39.55 -17.97
CA TYR C 411 5.99 -39.87 -17.59
C TYR C 411 5.30 -40.92 -18.49
N ASN C 412 5.92 -41.32 -19.59
CA ASN C 412 5.36 -42.32 -20.52
C ASN C 412 6.41 -43.34 -20.93
N MET D 1 4.55 -16.91 7.73
CA MET D 1 4.56 -15.55 7.10
C MET D 1 5.65 -15.43 6.04
N ARG D 2 5.28 -15.08 4.81
CA ARG D 2 6.27 -14.73 3.77
C ARG D 2 7.09 -13.51 4.25
N SER D 3 8.37 -13.53 3.92
CA SER D 3 9.25 -12.39 4.04
C SER D 3 9.61 -12.05 2.61
N LYS D 4 9.16 -10.89 2.13
CA LYS D 4 9.50 -10.48 0.76
C LYS D 4 10.96 -10.09 0.68
N ALA D 5 11.69 -10.70 -0.25
CA ALA D 5 13.05 -10.30 -0.57
C ALA D 5 13.14 -8.84 -1.09
N ARG D 6 14.33 -8.25 -0.97
CA ARG D 6 14.64 -6.94 -1.56
C ARG D 6 14.72 -7.20 -3.07
N ALA D 7 13.95 -6.47 -3.86
CA ALA D 7 13.93 -6.74 -5.29
C ALA D 7 15.04 -5.94 -5.98
N ARG D 8 15.83 -6.61 -6.83
CA ARG D 8 16.84 -6.00 -7.68
C ARG D 8 16.32 -5.83 -9.13
N LYS D 9 16.61 -4.69 -9.77
CA LYS D 9 16.24 -4.44 -11.19
C LYS D 9 17.30 -5.03 -12.12
N LEU D 10 16.88 -5.63 -13.24
CA LEU D 10 17.80 -6.14 -14.28
C LEU D 10 17.57 -5.41 -15.62
UNK UNX E . 16.53 -28.61 -25.26
UNK UNX F . 15.87 -25.64 -26.17
UNK UNX G . 18.74 -24.09 -23.83
UNK UNX H . 0.93 -16.96 15.85
UNK UNX I . -2.93 -14.93 17.74
UNK UNX J . 1.09 -15.26 12.49
UNK UNX K . -11.35 -14.13 15.86
UNK UNX L . 7.41 -31.20 -34.85
UNK UNX M . 4.50 -30.14 -34.31
UNK UNX N . 15.91 -26.63 -30.58
UNK UNX O . 0.34 -12.29 13.12
UNK UNX P . -22.30 -26.51 -2.36
#